data_9H66
#
_entry.id   9H66
#
_cell.length_a   69.580
_cell.length_b   101.214
_cell.length_c   104.809
_cell.angle_alpha   90.000
_cell.angle_beta   90.106
_cell.angle_gamma   90.000
#
_symmetry.space_group_name_H-M   'P 1 21 1'
#
loop_
_entity.id
_entity.type
_entity.pdbx_description
1 polymer 'Bile acid receptor'
2 polymer 'Nuclear receptor coactivator 2'
3 non-polymer (4~{R})-4-[(3~{R},4~{R},5~{S},6~{R},7~{R},8~{S},9~{S},10~{R},13~{R},14~{R},17~{R})-6-ethyl-4-fluoranyl-10,13-dimethyl-3,7-bis(oxidanyl)-2,3,4,5,6,7,8,9,11,12,14,15,16,17-tetradecahydro-1~{H}-cyclopenta[a]phenanthren-17-yl]-~{N}-[4-(trifluoromethyloxy)phenyl]sulfonyl-pentanamide
4 water water
#
loop_
_entity_poly.entity_id
_entity_poly.type
_entity_poly.pdbx_seq_one_letter_code
_entity_poly.pdbx_strand_id
1 'polypeptide(L)'
;GSHMELTPDQQTLLHFIMDSYNKQRMPQEITNKILKEAFSAEENFLILTEMATNHVQVLVEFTKKLPGFQTLDHEDQIAL
LKGSAVEAMFLRSAEIFNKKLPSGHSDLLEARIRNSGISDEYITPMFSFYKSIGELKMTQEEYALLTAIVILSPDRQYIK
DREAVEKLQEPLLDVLQKLCKIHQPENPQHFACLLGRLTELRTFNHHHAEMLMSWRVNDHKFTPLLCEIWDVQ
;
A,B,C,D
2 'polypeptide(L)' KENALLRYLLDKD E,F,G,H,I,J
#
# COMPACT_ATOMS: atom_id res chain seq x y z
N GLU A 5 -13.10 -38.82 -16.45
CA GLU A 5 -13.64 -37.60 -15.86
C GLU A 5 -12.53 -36.65 -15.42
N LEU A 6 -12.87 -35.78 -14.47
CA LEU A 6 -11.88 -34.89 -13.87
C LEU A 6 -10.89 -35.66 -12.99
N THR A 7 -9.74 -35.05 -12.76
CA THR A 7 -8.63 -35.64 -12.02
C THR A 7 -8.77 -35.37 -10.52
N PRO A 8 -7.93 -35.98 -9.66
CA PRO A 8 -8.08 -35.69 -8.22
C PRO A 8 -7.74 -34.26 -7.84
N ASP A 9 -6.83 -33.61 -8.57
CA ASP A 9 -6.47 -32.23 -8.26
C ASP A 9 -7.49 -31.25 -8.84
N GLN A 10 -8.14 -31.64 -9.94
CA GLN A 10 -9.24 -30.90 -10.54
C GLN A 10 -10.58 -31.20 -9.88
N GLN A 11 -10.60 -32.03 -8.83
CA GLN A 11 -11.83 -32.27 -8.11
C GLN A 11 -11.84 -31.62 -6.74
N THR A 12 -10.71 -31.71 -6.03
CA THR A 12 -10.53 -30.84 -4.88
C THR A 12 -10.81 -29.41 -5.28
N LEU A 13 -10.08 -28.90 -6.29
CA LEU A 13 -10.30 -27.54 -6.77
C LEU A 13 -11.76 -27.30 -7.13
N LEU A 14 -12.39 -28.24 -7.85
CA LEU A 14 -13.81 -28.05 -8.12
C LEU A 14 -14.57 -27.91 -6.81
N HIS A 15 -14.78 -29.02 -6.10
CA HIS A 15 -15.35 -29.03 -4.75
C HIS A 15 -15.13 -27.71 -3.98
N PHE A 16 -13.87 -27.29 -3.83
CA PHE A 16 -13.61 -26.07 -3.08
C PHE A 16 -14.37 -24.85 -3.64
N ILE A 17 -14.22 -24.58 -4.94
CA ILE A 17 -14.81 -23.39 -5.56
C ILE A 17 -16.33 -23.38 -5.36
N MET A 18 -17.00 -24.50 -5.65
CA MET A 18 -18.42 -24.66 -5.37
C MET A 18 -18.79 -24.32 -3.93
N ASP A 19 -17.98 -24.77 -2.95
CA ASP A 19 -18.33 -24.44 -1.58
C ASP A 19 -18.38 -22.92 -1.41
N SER A 20 -17.27 -22.26 -1.75
CA SER A 20 -17.17 -20.83 -1.53
C SER A 20 -18.23 -20.10 -2.33
N TYR A 21 -18.56 -20.65 -3.50
CA TYR A 21 -19.64 -20.10 -4.29
C TYR A 21 -20.93 -20.09 -3.48
N ASN A 22 -21.32 -21.25 -2.99
CA ASN A 22 -22.59 -21.37 -2.28
C ASN A 22 -22.51 -20.85 -0.84
N LYS A 23 -21.30 -20.54 -0.34
CA LYS A 23 -21.09 -20.04 1.01
C LYS A 23 -22.10 -18.98 1.41
N GLN A 24 -22.06 -17.84 0.75
CA GLN A 24 -22.95 -16.73 1.06
C GLN A 24 -24.08 -16.62 0.01
N ARG A 25 -25.26 -16.25 0.49
CA ARG A 25 -26.38 -15.90 -0.38
C ARG A 25 -27.02 -14.65 0.20
N MET A 26 -28.12 -14.22 -0.41
CA MET A 26 -28.74 -12.96 -0.05
C MET A 26 -29.21 -13.01 1.40
N PRO A 27 -28.91 -11.99 2.22
CA PRO A 27 -29.47 -11.93 3.57
C PRO A 27 -30.98 -11.65 3.57
N GLN A 28 -31.71 -12.37 4.45
CA GLN A 28 -33.17 -12.30 4.54
C GLN A 28 -33.70 -10.89 4.39
N GLU A 29 -33.22 -10.00 5.26
CA GLU A 29 -33.58 -8.59 5.30
C GLU A 29 -33.62 -7.92 3.92
N ILE A 30 -32.81 -8.37 2.96
CA ILE A 30 -32.98 -7.90 1.59
C ILE A 30 -34.11 -8.68 0.92
N THR A 31 -34.06 -10.01 1.02
CA THR A 31 -35.11 -10.85 0.47
C THR A 31 -36.49 -10.53 1.01
N ASN A 32 -36.59 -9.89 2.19
CA ASN A 32 -37.88 -9.40 2.64
C ASN A 32 -38.33 -8.18 1.84
N LYS A 33 -37.41 -7.27 1.53
CA LYS A 33 -37.86 -6.10 0.80
C LYS A 33 -38.22 -6.43 -0.64
N ILE A 34 -37.75 -7.55 -1.16
CA ILE A 34 -38.10 -7.88 -2.53
C ILE A 34 -39.55 -8.33 -2.60
N LEU A 35 -40.01 -9.11 -1.61
CA LEU A 35 -41.38 -9.57 -1.59
C LEU A 35 -42.33 -8.51 -1.07
N LYS A 36 -42.03 -7.99 0.11
CA LYS A 36 -43.06 -7.42 0.97
C LYS A 36 -42.94 -5.90 1.07
N GLU A 37 -42.55 -5.24 -0.01
CA GLU A 37 -42.20 -3.82 0.10
C GLU A 37 -42.64 -3.02 -1.12
N ALA A 38 -42.94 -1.75 -0.88
CA ALA A 38 -43.33 -0.71 -1.84
C ALA A 38 -42.82 -0.95 -3.25
N PHE A 39 -43.66 -0.69 -4.24
CA PHE A 39 -43.34 -0.98 -5.64
C PHE A 39 -43.26 0.31 -6.45
N SER A 40 -42.52 1.28 -5.95
CA SER A 40 -42.26 2.53 -6.64
C SER A 40 -40.93 2.44 -7.39
N ALA A 41 -40.70 3.37 -8.31
CA ALA A 41 -39.38 3.46 -8.93
C ALA A 41 -38.32 3.70 -7.87
N GLU A 42 -38.43 4.83 -7.14
CA GLU A 42 -37.83 5.00 -5.82
C GLU A 42 -38.12 3.72 -5.04
N GLU A 43 -37.31 3.36 -4.07
CA GLU A 43 -37.53 2.10 -3.33
C GLU A 43 -37.08 0.87 -4.09
N ASN A 44 -37.64 0.62 -5.28
CA ASN A 44 -37.04 -0.37 -6.16
C ASN A 44 -35.57 -0.03 -6.44
N PHE A 45 -35.32 1.20 -6.91
CA PHE A 45 -33.94 1.67 -6.97
C PHE A 45 -33.23 1.44 -5.64
N LEU A 46 -33.96 1.44 -4.53
CA LEU A 46 -33.31 1.23 -3.25
C LEU A 46 -32.99 -0.24 -3.04
N ILE A 47 -33.95 -1.12 -3.33
CA ILE A 47 -33.74 -2.56 -3.17
C ILE A 47 -32.60 -3.03 -4.06
N LEU A 48 -32.55 -2.47 -5.27
CA LEU A 48 -31.60 -2.91 -6.28
C LEU A 48 -30.21 -2.37 -6.03
N THR A 49 -30.07 -1.34 -5.22
CA THR A 49 -28.75 -0.91 -4.87
C THR A 49 -28.29 -1.55 -3.57
N GLU A 50 -29.21 -1.85 -2.66
CA GLU A 50 -28.91 -2.75 -1.56
C GLU A 50 -28.41 -4.08 -2.11
N MET A 51 -29.12 -4.63 -3.12
CA MET A 51 -28.79 -5.93 -3.68
C MET A 51 -27.41 -5.92 -4.31
N ALA A 52 -27.22 -5.01 -5.26
CA ALA A 52 -25.92 -4.81 -5.89
C ALA A 52 -24.83 -4.78 -4.84
N THR A 53 -25.11 -4.14 -3.71
CA THR A 53 -24.12 -3.82 -2.69
C THR A 53 -23.75 -5.05 -1.87
N ASN A 54 -24.75 -5.83 -1.49
CA ASN A 54 -24.47 -7.14 -0.92
C ASN A 54 -23.56 -7.93 -1.83
N HIS A 55 -23.74 -7.77 -3.16
CA HIS A 55 -23.22 -8.72 -4.13
C HIS A 55 -21.72 -8.59 -4.32
N VAL A 56 -21.23 -7.35 -4.27
CA VAL A 56 -19.78 -7.11 -4.23
C VAL A 56 -19.19 -7.70 -2.96
N GLN A 57 -19.78 -7.42 -1.79
CA GLN A 57 -19.22 -7.99 -0.58
C GLN A 57 -19.13 -9.50 -0.70
N VAL A 58 -20.20 -10.15 -1.19
CA VAL A 58 -20.17 -11.60 -1.36
C VAL A 58 -19.12 -11.97 -2.39
N LEU A 59 -18.97 -11.15 -3.42
CA LEU A 59 -17.93 -11.36 -4.43
C LEU A 59 -16.54 -11.34 -3.79
N VAL A 60 -16.27 -10.28 -3.02
CA VAL A 60 -14.94 -10.01 -2.49
C VAL A 60 -14.50 -11.15 -1.57
N GLU A 61 -15.47 -11.85 -1.02
CA GLU A 61 -15.26 -12.96 -0.11
C GLU A 61 -15.00 -14.24 -0.88
N PHE A 62 -15.73 -14.45 -1.98
CA PHE A 62 -15.47 -15.58 -2.85
C PHE A 62 -14.08 -15.46 -3.48
N THR A 63 -13.72 -14.25 -3.87
CA THR A 63 -12.45 -13.96 -4.53
C THR A 63 -11.27 -14.25 -3.63
N LYS A 64 -11.26 -13.64 -2.43
CA LYS A 64 -10.33 -14.00 -1.35
C LYS A 64 -10.10 -15.50 -1.28
N LYS A 65 -11.16 -16.29 -1.34
CA LYS A 65 -11.00 -17.72 -1.17
C LYS A 65 -10.58 -18.42 -2.45
N LEU A 66 -10.36 -17.73 -3.56
CA LEU A 66 -9.83 -18.45 -4.70
C LEU A 66 -8.44 -19.00 -4.36
N PRO A 67 -8.22 -20.32 -4.48
CA PRO A 67 -6.86 -20.85 -4.43
C PRO A 67 -5.80 -19.87 -4.90
N GLY A 68 -4.81 -19.61 -4.06
CA GLY A 68 -3.67 -18.80 -4.44
C GLY A 68 -3.93 -17.34 -4.77
N PHE A 69 -5.16 -16.85 -4.55
CA PHE A 69 -5.45 -15.45 -4.84
C PHE A 69 -4.68 -14.52 -3.91
N GLN A 70 -4.47 -14.92 -2.66
CA GLN A 70 -3.82 -14.01 -1.72
C GLN A 70 -2.29 -14.09 -1.80
N THR A 71 -1.75 -15.07 -2.51
CA THR A 71 -0.37 -14.98 -2.95
C THR A 71 -0.15 -13.70 -3.73
N LEU A 72 -1.06 -13.36 -4.65
CA LEU A 72 -0.79 -12.29 -5.62
C LEU A 72 -0.52 -10.95 -4.96
N ASP A 73 0.24 -10.13 -5.68
CA ASP A 73 0.41 -8.71 -5.41
C ASP A 73 -0.90 -8.10 -4.94
N HIS A 74 -0.82 -7.32 -3.87
CA HIS A 74 -2.03 -6.70 -3.33
C HIS A 74 -2.56 -5.60 -4.26
N GLU A 75 -1.67 -4.95 -5.02
CA GLU A 75 -2.13 -3.99 -6.02
C GLU A 75 -2.88 -4.69 -7.15
N ASP A 76 -2.31 -5.79 -7.67
CA ASP A 76 -3.03 -6.61 -8.64
C ASP A 76 -4.38 -7.01 -8.09
N GLN A 77 -4.42 -7.37 -6.79
CA GLN A 77 -5.64 -7.87 -6.16
C GLN A 77 -6.79 -6.90 -6.36
N ILE A 78 -6.58 -5.62 -6.10
CA ILE A 78 -7.63 -4.64 -6.33
C ILE A 78 -8.01 -4.58 -7.81
N ALA A 79 -7.04 -4.66 -8.70
CA ALA A 79 -7.29 -4.38 -10.11
C ALA A 79 -8.20 -5.43 -10.71
N LEU A 80 -8.02 -6.70 -10.28
CA LEU A 80 -8.91 -7.78 -10.68
C LEU A 80 -10.32 -7.58 -10.12
N LEU A 81 -10.43 -7.06 -8.89
CA LEU A 81 -11.75 -7.04 -8.33
C LEU A 81 -12.52 -5.85 -8.92
N LYS A 82 -11.87 -4.71 -9.01
CA LYS A 82 -12.42 -3.59 -9.74
C LYS A 82 -12.74 -4.00 -11.18
N GLY A 83 -11.89 -4.84 -11.78
CA GLY A 83 -12.05 -5.18 -13.20
C GLY A 83 -13.22 -6.11 -13.49
N SER A 84 -13.50 -7.04 -12.60
CA SER A 84 -14.37 -8.17 -12.85
C SER A 84 -15.75 -7.97 -12.27
N ALA A 85 -15.89 -6.93 -11.44
CA ALA A 85 -17.06 -6.84 -10.57
C ALA A 85 -18.35 -6.67 -11.37
N VAL A 86 -18.37 -5.70 -12.33
CA VAL A 86 -19.57 -5.54 -13.13
C VAL A 86 -19.82 -6.83 -13.90
N GLU A 87 -18.74 -7.37 -14.48
CA GLU A 87 -18.86 -8.60 -15.25
C GLU A 87 -19.44 -9.73 -14.41
N ALA A 88 -19.02 -9.87 -13.12
CA ALA A 88 -19.62 -10.95 -12.31
C ALA A 88 -21.10 -10.65 -11.97
N MET A 89 -21.43 -9.39 -11.71
CA MET A 89 -22.84 -9.09 -11.52
C MET A 89 -23.67 -9.44 -12.78
N PHE A 90 -23.18 -9.13 -13.99
CA PHE A 90 -23.95 -9.54 -15.19
C PHE A 90 -24.12 -11.06 -15.25
N LEU A 91 -23.03 -11.80 -15.03
CA LEU A 91 -23.05 -13.25 -15.17
C LEU A 91 -23.99 -13.90 -14.15
N ARG A 92 -23.93 -13.44 -12.89
CA ARG A 92 -24.84 -13.97 -11.88
C ARG A 92 -26.30 -13.61 -12.19
N SER A 93 -26.52 -12.39 -12.73
CA SER A 93 -27.80 -12.04 -13.36
C SER A 93 -28.27 -13.12 -14.31
N ALA A 94 -27.52 -13.34 -15.40
CA ALA A 94 -27.79 -14.44 -16.32
C ALA A 94 -28.31 -15.66 -15.58
N GLU A 95 -27.47 -16.25 -14.72
CA GLU A 95 -27.80 -17.48 -13.99
C GLU A 95 -29.11 -17.33 -13.22
N ILE A 96 -29.24 -16.24 -12.46
CA ILE A 96 -30.48 -15.89 -11.76
C ILE A 96 -31.71 -16.06 -12.63
N PHE A 97 -31.74 -15.44 -13.81
CA PHE A 97 -32.97 -15.37 -14.59
C PHE A 97 -33.15 -16.56 -15.51
N ASN A 98 -32.41 -17.63 -15.29
CA ASN A 98 -32.69 -18.91 -15.91
C ASN A 98 -33.08 -19.94 -14.88
N LYS A 99 -32.78 -19.68 -13.61
CA LYS A 99 -32.59 -20.70 -12.60
C LYS A 99 -33.87 -21.47 -12.37
N LYS A 100 -33.71 -22.72 -11.92
CA LYS A 100 -34.84 -23.54 -11.47
C LYS A 100 -35.55 -22.88 -10.30
N LEU A 101 -35.03 -21.72 -9.85
CA LEU A 101 -35.71 -20.68 -9.08
C LEU A 101 -37.20 -20.82 -9.26
N PRO A 102 -37.94 -20.84 -8.18
CA PRO A 102 -39.27 -21.43 -8.22
C PRO A 102 -40.34 -20.56 -8.83
N SER A 103 -41.25 -20.19 -7.97
CA SER A 103 -42.51 -19.61 -8.37
C SER A 103 -42.39 -18.11 -8.16
N GLY A 104 -42.25 -17.37 -9.26
CA GLY A 104 -42.48 -15.93 -9.29
C GLY A 104 -41.48 -15.05 -8.57
N HIS A 105 -40.53 -15.62 -7.84
N HIS A 105 -40.52 -15.62 -7.85
CA HIS A 105 -39.53 -14.80 -7.15
CA HIS A 105 -39.55 -14.78 -7.15
C HIS A 105 -38.67 -14.02 -8.14
C HIS A 105 -38.64 -14.04 -8.13
N SER A 106 -38.35 -14.63 -9.28
CA SER A 106 -37.54 -13.94 -10.27
C SER A 106 -38.39 -13.11 -11.22
N ASP A 107 -39.59 -13.61 -11.59
CA ASP A 107 -40.67 -12.78 -12.17
C ASP A 107 -40.82 -11.49 -11.38
N LEU A 108 -40.77 -11.61 -10.06
CA LEU A 108 -40.85 -10.45 -9.18
C LEU A 108 -39.64 -9.53 -9.34
N LEU A 109 -38.43 -10.10 -9.32
CA LEU A 109 -37.23 -9.28 -9.50
C LEU A 109 -37.21 -8.65 -10.90
N GLU A 110 -37.60 -9.41 -11.93
CA GLU A 110 -37.69 -8.79 -13.26
C GLU A 110 -38.64 -7.59 -13.26
N ALA A 111 -39.69 -7.61 -12.43
CA ALA A 111 -40.73 -6.58 -12.47
C ALA A 111 -40.30 -5.33 -11.72
N ARG A 112 -39.59 -5.53 -10.60
CA ARG A 112 -38.98 -4.40 -9.91
C ARG A 112 -37.93 -3.72 -10.80
N ILE A 113 -37.02 -4.52 -11.39
CA ILE A 113 -35.95 -3.94 -12.21
C ILE A 113 -36.54 -3.02 -13.27
N ARG A 114 -37.74 -3.34 -13.77
CA ARG A 114 -38.38 -2.54 -14.81
C ARG A 114 -39.18 -1.35 -14.27
N ASN A 115 -39.42 -1.25 -12.96
CA ASN A 115 -39.96 -0.02 -12.38
C ASN A 115 -38.97 0.53 -11.35
N SER A 116 -37.77 0.87 -11.82
CA SER A 116 -36.76 1.41 -10.93
C SER A 116 -36.02 2.55 -11.61
N GLY A 117 -36.64 3.16 -12.61
CA GLY A 117 -36.08 4.32 -13.28
C GLY A 117 -34.91 4.02 -14.18
N ILE A 118 -34.87 2.86 -14.81
CA ILE A 118 -33.98 2.55 -15.93
C ILE A 118 -34.82 2.50 -17.20
N SER A 119 -34.24 2.94 -18.30
CA SER A 119 -34.96 2.90 -19.55
C SER A 119 -35.11 1.48 -20.06
N ASP A 120 -36.26 1.18 -20.65
N ASP A 120 -36.27 1.18 -20.66
CA ASP A 120 -36.39 -0.10 -21.34
CA ASP A 120 -36.45 -0.06 -21.39
C ASP A 120 -35.36 -0.23 -22.46
C ASP A 120 -35.36 -0.23 -22.45
N GLU A 121 -34.79 0.89 -22.91
CA GLU A 121 -33.75 0.85 -23.94
C GLU A 121 -32.49 0.15 -23.44
N TYR A 122 -32.12 0.35 -22.16
CA TYR A 122 -31.03 -0.43 -21.58
C TYR A 122 -31.52 -1.77 -21.05
N ILE A 123 -32.74 -1.79 -20.49
CA ILE A 123 -33.28 -2.96 -19.78
C ILE A 123 -33.60 -4.10 -20.74
N THR A 124 -34.10 -3.77 -21.93
CA THR A 124 -34.47 -4.79 -22.90
C THR A 124 -33.29 -5.64 -23.36
N PRO A 125 -32.14 -5.07 -23.76
CA PRO A 125 -31.06 -5.95 -24.23
C PRO A 125 -30.39 -6.79 -23.15
N MET A 126 -30.33 -6.33 -21.91
CA MET A 126 -29.64 -7.12 -20.89
C MET A 126 -30.38 -8.41 -20.59
N PHE A 127 -31.72 -8.39 -20.60
CA PHE A 127 -32.43 -9.67 -20.51
C PHE A 127 -32.26 -10.45 -21.79
N SER A 128 -32.33 -9.76 -22.93
CA SER A 128 -32.20 -10.44 -24.21
C SER A 128 -30.90 -11.22 -24.28
N PHE A 129 -29.85 -10.71 -23.63
CA PHE A 129 -28.58 -11.42 -23.52
C PHE A 129 -28.67 -12.57 -22.51
N TYR A 130 -29.35 -12.31 -21.38
CA TYR A 130 -29.58 -13.35 -20.36
C TYR A 130 -30.31 -14.54 -20.96
N LYS A 131 -31.24 -14.25 -21.87
CA LYS A 131 -31.89 -15.30 -22.65
C LYS A 131 -30.84 -16.15 -23.35
N SER A 132 -29.94 -15.52 -24.09
CA SER A 132 -29.01 -16.33 -24.87
C SER A 132 -27.99 -17.03 -24.00
N ILE A 133 -27.54 -16.44 -22.89
CA ILE A 133 -26.67 -17.20 -21.98
C ILE A 133 -27.35 -18.52 -21.62
N GLY A 134 -28.60 -18.41 -21.13
CA GLY A 134 -29.50 -19.52 -20.86
C GLY A 134 -29.50 -20.61 -21.91
N GLU A 135 -29.72 -20.25 -23.20
CA GLU A 135 -29.78 -21.26 -24.25
C GLU A 135 -28.63 -22.24 -24.14
N LEU A 136 -27.49 -21.80 -23.64
CA LEU A 136 -26.30 -22.64 -23.55
C LEU A 136 -26.34 -23.61 -22.37
N LYS A 137 -27.46 -23.66 -21.63
CA LYS A 137 -27.74 -24.62 -20.56
C LYS A 137 -26.54 -24.95 -19.69
N MET A 138 -26.12 -23.99 -18.82
CA MET A 138 -24.97 -24.17 -17.93
C MET A 138 -25.38 -24.68 -16.54
N THR A 139 -24.47 -25.41 -15.92
CA THR A 139 -24.71 -25.84 -14.55
C THR A 139 -24.13 -24.82 -13.56
N GLN A 140 -24.63 -24.84 -12.31
CA GLN A 140 -24.05 -24.00 -11.27
C GLN A 140 -22.55 -24.23 -11.15
N GLU A 141 -22.09 -25.46 -11.37
CA GLU A 141 -20.67 -25.69 -11.44
C GLU A 141 -20.05 -24.87 -12.56
N GLU A 142 -20.73 -24.80 -13.70
CA GLU A 142 -20.19 -24.04 -14.80
C GLU A 142 -20.20 -22.55 -14.47
N TYR A 143 -21.29 -22.05 -13.88
CA TYR A 143 -21.35 -20.62 -13.56
C TYR A 143 -20.26 -20.24 -12.58
N ALA A 144 -20.04 -21.10 -11.59
CA ALA A 144 -19.06 -20.84 -10.56
C ALA A 144 -17.65 -20.71 -11.14
N LEU A 145 -17.32 -21.55 -12.13
CA LEU A 145 -15.97 -21.52 -12.69
C LEU A 145 -15.76 -20.31 -13.57
N LEU A 146 -16.67 -20.10 -14.53
CA LEU A 146 -16.63 -18.95 -15.41
C LEU A 146 -16.54 -17.68 -14.58
N THR A 147 -17.31 -17.62 -13.48
CA THR A 147 -17.19 -16.49 -12.56
C THR A 147 -15.79 -16.37 -12.02
N ALA A 148 -15.17 -17.49 -11.61
CA ALA A 148 -13.76 -17.42 -11.19
C ALA A 148 -12.87 -16.98 -12.35
N ILE A 149 -13.12 -17.55 -13.54
CA ILE A 149 -12.27 -17.28 -14.69
C ILE A 149 -12.29 -15.80 -15.03
N VAL A 150 -13.47 -15.16 -14.91
CA VAL A 150 -13.58 -13.74 -15.25
C VAL A 150 -12.90 -12.87 -14.20
N ILE A 151 -12.93 -13.25 -12.90
CA ILE A 151 -12.19 -12.50 -11.89
C ILE A 151 -10.68 -12.64 -12.11
N LEU A 152 -10.22 -13.88 -12.32
CA LEU A 152 -8.79 -14.08 -12.47
C LEU A 152 -8.42 -13.83 -13.93
N SER A 153 -8.85 -12.67 -14.46
CA SER A 153 -8.43 -12.39 -15.83
C SER A 153 -7.10 -11.65 -15.84
N PRO A 154 -6.09 -12.12 -16.57
CA PRO A 154 -4.77 -11.49 -16.44
C PRO A 154 -4.58 -10.36 -17.44
N ASP A 155 -5.50 -10.21 -18.36
CA ASP A 155 -5.49 -9.22 -19.41
C ASP A 155 -6.09 -7.90 -18.97
N ARG A 156 -6.33 -7.72 -17.67
CA ARG A 156 -6.98 -6.51 -17.20
C ARG A 156 -5.97 -5.39 -17.06
N GLN A 157 -6.42 -4.17 -17.35
CA GLN A 157 -5.55 -3.01 -17.18
C GLN A 157 -4.93 -2.96 -15.78
N TYR A 158 -3.65 -2.59 -15.72
CA TYR A 158 -2.93 -2.32 -14.49
C TYR A 158 -2.55 -3.59 -13.73
N ILE A 159 -2.56 -4.74 -14.40
CA ILE A 159 -1.97 -5.95 -13.84
C ILE A 159 -0.46 -5.85 -14.00
N LYS A 160 0.27 -5.93 -12.89
CA LYS A 160 1.72 -5.83 -12.98
C LYS A 160 2.41 -7.18 -13.11
N ASP A 161 1.75 -8.29 -12.81
CA ASP A 161 2.33 -9.62 -12.91
C ASP A 161 1.26 -10.52 -13.53
N ARG A 162 1.09 -10.33 -14.84
CA ARG A 162 0.12 -11.09 -15.63
C ARG A 162 0.42 -12.57 -15.56
N GLU A 163 1.67 -12.94 -15.38
CA GLU A 163 1.99 -14.35 -15.36
C GLU A 163 1.41 -15.00 -14.12
N ALA A 164 1.40 -14.27 -12.98
CA ALA A 164 0.92 -14.86 -11.73
C ALA A 164 -0.58 -15.16 -11.77
N VAL A 165 -1.33 -14.33 -12.51
CA VAL A 165 -2.77 -14.49 -12.62
C VAL A 165 -3.09 -15.64 -13.55
N GLU A 166 -2.28 -15.86 -14.59
CA GLU A 166 -2.67 -16.91 -15.51
C GLU A 166 -2.31 -18.28 -14.96
N LYS A 167 -1.28 -18.36 -14.12
CA LYS A 167 -1.04 -19.63 -13.45
C LYS A 167 -2.19 -20.00 -12.52
N LEU A 168 -3.13 -19.07 -12.27
CA LEU A 168 -4.32 -19.41 -11.48
C LEU A 168 -5.56 -19.64 -12.33
N GLN A 169 -5.71 -18.92 -13.46
CA GLN A 169 -6.91 -19.10 -14.28
C GLN A 169 -6.86 -20.40 -15.07
N GLU A 170 -5.68 -20.79 -15.52
CA GLU A 170 -5.42 -22.00 -16.31
C GLU A 170 -6.17 -23.22 -15.77
N PRO A 171 -5.90 -23.65 -14.47
CA PRO A 171 -6.69 -24.74 -13.89
C PRO A 171 -8.17 -24.52 -14.09
N LEU A 172 -8.68 -23.39 -13.61
CA LEU A 172 -10.11 -23.09 -13.74
C LEU A 172 -10.63 -23.30 -15.17
N LEU A 173 -9.81 -22.97 -16.18
CA LEU A 173 -10.18 -23.18 -17.58
C LEU A 173 -10.17 -24.65 -17.97
N ASP A 174 -9.01 -25.32 -17.77
CA ASP A 174 -8.91 -26.77 -17.81
C ASP A 174 -10.18 -27.41 -17.29
N VAL A 175 -10.50 -27.09 -16.03
CA VAL A 175 -11.62 -27.76 -15.38
C VAL A 175 -12.90 -27.50 -16.16
N LEU A 176 -13.22 -26.22 -16.40
CA LEU A 176 -14.41 -25.86 -17.17
C LEU A 176 -14.44 -26.56 -18.53
N GLN A 177 -13.32 -26.50 -19.26
CA GLN A 177 -13.29 -27.12 -20.58
C GLN A 177 -13.65 -28.59 -20.49
N LYS A 178 -12.95 -29.32 -19.61
CA LYS A 178 -13.20 -30.76 -19.44
C LYS A 178 -14.67 -31.02 -19.18
N LEU A 179 -15.23 -30.28 -18.23
CA LEU A 179 -16.61 -30.46 -17.86
C LEU A 179 -17.57 -30.07 -18.98
N CYS A 180 -17.16 -29.15 -19.88
CA CYS A 180 -17.90 -28.96 -21.12
C CYS A 180 -17.87 -30.22 -21.98
N LYS A 181 -16.74 -30.91 -22.02
CA LYS A 181 -16.64 -32.13 -22.82
C LYS A 181 -17.46 -33.25 -22.20
N ILE A 182 -17.30 -33.47 -20.88
CA ILE A 182 -18.11 -34.44 -20.15
C ILE A 182 -19.59 -34.15 -20.34
N HIS A 183 -20.03 -32.97 -19.87
CA HIS A 183 -21.44 -32.57 -20.01
C HIS A 183 -21.97 -32.82 -21.41
N GLN A 184 -21.24 -32.34 -22.43
CA GLN A 184 -21.84 -32.03 -23.72
C GLN A 184 -20.96 -32.52 -24.85
N PRO A 185 -20.94 -33.84 -25.08
CA PRO A 185 -20.16 -34.36 -26.20
C PRO A 185 -20.88 -34.22 -27.53
N GLU A 186 -22.20 -34.00 -27.49
CA GLU A 186 -23.01 -33.72 -28.67
C GLU A 186 -22.22 -32.89 -29.67
N ASN A 187 -21.97 -31.63 -29.33
CA ASN A 187 -21.20 -30.72 -30.18
C ASN A 187 -19.94 -30.26 -29.46
N PRO A 188 -18.78 -30.37 -30.09
CA PRO A 188 -17.51 -30.23 -29.35
C PRO A 188 -16.88 -28.84 -29.36
N GLN A 189 -17.59 -27.82 -29.87
CA GLN A 189 -17.11 -26.45 -29.82
C GLN A 189 -17.73 -25.67 -28.65
N HIS A 190 -18.26 -26.39 -27.64
CA HIS A 190 -19.08 -25.76 -26.61
C HIS A 190 -18.23 -24.93 -25.66
N PHE A 191 -17.05 -25.43 -25.28
CA PHE A 191 -16.09 -24.65 -24.51
C PHE A 191 -15.81 -23.31 -25.19
N ALA A 192 -15.34 -23.33 -26.44
CA ALA A 192 -15.13 -22.10 -27.17
C ALA A 192 -16.37 -21.20 -27.19
N CYS A 193 -17.57 -21.76 -27.36
CA CYS A 193 -18.74 -20.88 -27.26
C CYS A 193 -19.02 -20.36 -25.87
N LEU A 194 -18.47 -20.97 -24.82
CA LEU A 194 -18.51 -20.36 -23.50
C LEU A 194 -17.63 -19.12 -23.46
N LEU A 195 -16.33 -19.32 -23.72
CA LEU A 195 -15.35 -18.25 -23.65
C LEU A 195 -15.79 -17.04 -24.46
N GLY A 196 -16.16 -17.28 -25.72
CA GLY A 196 -16.73 -16.27 -26.61
C GLY A 196 -17.73 -15.34 -25.96
N ARG A 197 -18.56 -15.85 -25.03
CA ARG A 197 -19.52 -15.01 -24.31
C ARG A 197 -18.86 -14.21 -23.17
N LEU A 198 -17.83 -14.78 -22.55
CA LEU A 198 -17.04 -14.05 -21.56
C LEU A 198 -16.49 -12.77 -22.17
N THR A 199 -16.03 -12.84 -23.42
CA THR A 199 -15.65 -11.65 -24.18
C THR A 199 -16.85 -10.71 -24.35
N GLU A 200 -18.02 -11.26 -24.66
CA GLU A 200 -19.20 -10.41 -24.80
C GLU A 200 -19.50 -9.66 -23.49
N LEU A 201 -19.39 -10.36 -22.35
CA LEU A 201 -19.49 -9.72 -21.04
C LEU A 201 -18.70 -8.43 -20.97
N ARG A 202 -17.45 -8.46 -21.44
CA ARG A 202 -16.58 -7.29 -21.39
C ARG A 202 -17.13 -6.12 -22.19
N THR A 203 -17.87 -6.38 -23.27
CA THR A 203 -18.45 -5.30 -24.04
C THR A 203 -19.36 -4.45 -23.16
N PHE A 204 -20.34 -5.09 -22.50
CA PHE A 204 -21.32 -4.39 -21.67
C PHE A 204 -20.71 -3.51 -20.59
N ASN A 205 -19.47 -3.81 -20.17
CA ASN A 205 -18.75 -3.01 -19.18
C ASN A 205 -18.95 -1.51 -19.39
N HIS A 206 -18.74 -1.00 -20.61
CA HIS A 206 -18.85 0.44 -20.77
C HIS A 206 -20.29 0.88 -20.87
N HIS A 207 -21.16 0.07 -21.49
CA HIS A 207 -22.59 0.34 -21.43
C HIS A 207 -23.01 0.60 -19.98
N HIS A 208 -22.51 -0.23 -19.05
CA HIS A 208 -22.88 -0.11 -17.65
C HIS A 208 -22.48 1.25 -17.10
N ALA A 209 -21.22 1.64 -17.35
CA ALA A 209 -20.75 2.99 -17.04
C ALA A 209 -21.73 4.05 -17.51
N GLU A 210 -22.13 3.99 -18.77
CA GLU A 210 -23.06 4.94 -19.36
C GLU A 210 -24.36 5.00 -18.56
N MET A 211 -25.17 3.93 -18.63
CA MET A 211 -26.49 3.92 -17.99
C MET A 211 -26.47 4.38 -16.55
N LEU A 212 -25.33 4.29 -15.88
CA LEU A 212 -25.29 4.76 -14.51
C LEU A 212 -25.43 6.27 -14.42
N MET A 213 -25.00 7.00 -15.46
CA MET A 213 -25.21 8.44 -15.46
C MET A 213 -26.69 8.79 -15.48
N SER A 214 -27.53 7.94 -16.09
CA SER A 214 -28.98 8.17 -16.16
C SER A 214 -29.75 7.54 -14.99
N TRP A 215 -29.13 6.73 -14.17
CA TRP A 215 -29.88 5.95 -13.19
C TRP A 215 -29.87 6.65 -11.84
N ARG A 216 -30.59 7.77 -11.77
CA ARG A 216 -30.79 8.45 -10.50
C ARG A 216 -32.29 8.65 -10.29
N VAL A 217 -32.74 8.44 -9.06
CA VAL A 217 -34.15 8.60 -8.71
C VAL A 217 -34.23 9.45 -7.45
N ASN A 218 -35.22 10.34 -7.38
CA ASN A 218 -35.50 11.17 -6.20
C ASN A 218 -34.38 12.16 -5.90
N ASP A 219 -33.27 12.13 -6.65
CA ASP A 219 -31.98 12.73 -6.34
C ASP A 219 -31.23 11.92 -5.28
N HIS A 220 -31.57 10.62 -5.17
CA HIS A 220 -30.96 9.67 -4.24
C HIS A 220 -29.48 9.52 -4.49
N LYS A 221 -28.85 8.59 -3.79
CA LYS A 221 -27.44 8.30 -4.00
C LYS A 221 -27.23 6.79 -3.91
N PHE A 222 -26.34 6.29 -4.78
CA PHE A 222 -25.85 4.93 -4.61
C PHE A 222 -25.11 4.82 -3.28
N THR A 223 -24.86 3.62 -2.89
CA THR A 223 -24.11 3.45 -1.67
C THR A 223 -22.61 3.66 -1.92
N PRO A 224 -21.83 4.04 -0.89
CA PRO A 224 -20.39 4.31 -1.13
C PRO A 224 -19.64 3.20 -1.89
N LEU A 225 -19.74 1.95 -1.45
CA LEU A 225 -19.05 0.86 -2.17
C LEU A 225 -19.49 0.73 -3.63
N LEU A 226 -20.74 1.03 -3.94
CA LEU A 226 -21.14 1.11 -5.34
C LEU A 226 -20.46 2.27 -6.06
N CYS A 227 -20.19 3.37 -5.36
CA CYS A 227 -19.52 4.49 -6.01
C CYS A 227 -18.06 4.18 -6.30
N GLU A 228 -17.46 3.30 -5.49
CA GLU A 228 -16.09 2.88 -5.76
C GLU A 228 -16.03 1.92 -6.94
N ILE A 229 -16.91 0.92 -6.96
CA ILE A 229 -16.77 -0.18 -7.91
C ILE A 229 -17.31 0.18 -9.30
N TRP A 230 -18.48 0.80 -9.37
CA TRP A 230 -18.92 1.30 -10.67
C TRP A 230 -18.44 2.69 -10.97
N ASP A 231 -17.63 3.29 -10.10
CA ASP A 231 -17.02 4.62 -10.32
C ASP A 231 -18.08 5.66 -10.70
N VAL A 232 -18.88 6.05 -9.70
CA VAL A 232 -19.88 7.08 -9.92
C VAL A 232 -19.83 8.14 -8.80
N GLU B 5 -25.39 -8.24 -47.35
CA GLU B 5 -23.98 -8.02 -47.66
C GLU B 5 -23.40 -6.88 -46.81
N LEU B 6 -22.10 -6.65 -46.96
CA LEU B 6 -21.44 -5.64 -46.15
C LEU B 6 -21.54 -4.25 -46.80
N THR B 7 -21.12 -3.23 -46.06
CA THR B 7 -21.40 -1.87 -46.50
C THR B 7 -20.20 -1.26 -47.21
N PRO B 8 -20.41 -0.17 -47.99
CA PRO B 8 -19.31 0.39 -48.78
C PRO B 8 -18.07 0.73 -47.96
N ASP B 9 -18.26 1.24 -46.74
CA ASP B 9 -17.14 1.46 -45.83
C ASP B 9 -16.54 0.15 -45.34
N GLN B 10 -17.38 -0.88 -45.16
CA GLN B 10 -16.92 -2.17 -44.67
C GLN B 10 -16.22 -2.98 -45.74
N GLN B 11 -16.31 -2.52 -46.99
CA GLN B 11 -15.71 -3.16 -48.14
C GLN B 11 -14.40 -2.51 -48.54
N THR B 12 -14.31 -1.18 -48.41
CA THR B 12 -13.02 -0.51 -48.54
C THR B 12 -12.10 -0.89 -47.40
N LEU B 13 -12.68 -1.21 -46.23
CA LEU B 13 -11.89 -1.76 -45.13
C LEU B 13 -11.40 -3.17 -45.45
N LEU B 14 -12.30 -4.03 -45.93
CA LEU B 14 -11.96 -5.42 -46.20
C LEU B 14 -10.99 -5.54 -47.35
N HIS B 15 -11.09 -4.66 -48.35
CA HIS B 15 -10.27 -4.75 -49.53
C HIS B 15 -8.81 -4.48 -49.21
N PHE B 16 -8.55 -3.51 -48.34
CA PHE B 16 -7.19 -3.17 -47.99
C PHE B 16 -6.56 -4.18 -47.01
N ILE B 17 -7.36 -4.84 -46.18
CA ILE B 17 -6.83 -5.89 -45.30
C ILE B 17 -6.38 -7.08 -46.13
N MET B 18 -7.32 -7.67 -46.89
CA MET B 18 -7.04 -8.75 -47.81
C MET B 18 -5.76 -8.57 -48.63
N ASP B 19 -5.59 -7.41 -49.27
CA ASP B 19 -4.41 -7.20 -50.10
C ASP B 19 -3.13 -7.45 -49.31
N SER B 20 -2.91 -6.70 -48.24
CA SER B 20 -1.73 -6.88 -47.41
C SER B 20 -1.54 -8.34 -47.02
N TYR B 21 -2.60 -8.97 -46.49
CA TYR B 21 -2.50 -10.35 -46.05
C TYR B 21 -2.01 -11.25 -47.17
N ASN B 22 -2.27 -10.87 -48.41
CA ASN B 22 -1.73 -11.56 -49.57
C ASN B 22 -0.46 -10.92 -50.10
N LYS B 23 -0.17 -9.67 -49.71
CA LYS B 23 0.93 -8.90 -50.31
C LYS B 23 2.25 -9.67 -50.33
N GLN B 24 2.45 -10.60 -49.39
CA GLN B 24 3.73 -11.28 -49.30
C GLN B 24 3.52 -12.68 -48.72
N ARG B 25 4.09 -13.69 -49.39
CA ARG B 25 4.11 -15.09 -48.95
C ARG B 25 5.56 -15.55 -48.79
N MET B 26 5.72 -16.80 -48.34
CA MET B 26 7.03 -17.30 -47.93
C MET B 26 8.00 -17.38 -49.09
N PRO B 27 9.25 -16.96 -48.90
CA PRO B 27 10.25 -17.02 -49.99
C PRO B 27 10.47 -18.43 -50.51
N GLN B 28 10.53 -18.53 -51.85
CA GLN B 28 10.56 -19.81 -52.54
C GLN B 28 11.64 -20.73 -51.98
N GLU B 29 12.80 -20.16 -51.64
CA GLU B 29 13.92 -20.97 -51.17
C GLU B 29 13.60 -21.68 -49.85
N ILE B 30 12.98 -20.97 -48.90
CA ILE B 30 12.64 -21.57 -47.61
C ILE B 30 11.67 -22.74 -47.80
N THR B 31 10.55 -22.49 -48.48
CA THR B 31 9.57 -23.55 -48.76
C THR B 31 10.17 -24.71 -49.54
N ASN B 32 11.30 -24.49 -50.23
CA ASN B 32 11.92 -25.53 -51.03
C ASN B 32 12.70 -26.52 -50.17
N LYS B 33 13.27 -26.05 -49.05
CA LYS B 33 13.94 -26.94 -48.11
C LYS B 33 12.98 -27.97 -47.52
N ILE B 34 11.71 -27.59 -47.33
CA ILE B 34 10.73 -28.55 -46.79
C ILE B 34 10.75 -29.80 -47.61
N LEU B 35 10.88 -29.64 -48.92
CA LEU B 35 10.75 -30.72 -49.88
C LEU B 35 12.08 -31.40 -50.20
N LYS B 36 13.21 -30.78 -49.90
CA LYS B 36 14.48 -31.22 -50.49
C LYS B 36 15.64 -31.38 -49.50
N GLU B 37 15.53 -30.93 -48.25
CA GLU B 37 16.65 -31.03 -47.32
C GLU B 37 16.62 -32.31 -46.49
N ALA B 38 17.81 -32.75 -46.06
CA ALA B 38 17.92 -33.97 -45.28
C ALA B 38 16.90 -34.00 -44.17
N PHE B 39 16.36 -35.18 -43.86
CA PHE B 39 15.25 -35.25 -42.92
C PHE B 39 15.76 -35.77 -41.57
N SER B 40 16.14 -34.82 -40.72
CA SER B 40 16.62 -35.10 -39.36
C SER B 40 16.05 -34.06 -38.41
N ALA B 41 15.96 -34.42 -37.13
CA ALA B 41 15.50 -33.49 -36.11
C ALA B 41 16.14 -32.12 -36.28
N GLU B 42 17.48 -32.10 -36.17
CA GLU B 42 18.33 -30.94 -36.41
C GLU B 42 17.93 -30.16 -37.65
N GLU B 43 17.87 -30.83 -38.82
CA GLU B 43 17.61 -30.09 -40.06
C GLU B 43 16.23 -29.45 -40.03
N ASN B 44 15.21 -30.24 -39.66
CA ASN B 44 13.85 -29.74 -39.54
C ASN B 44 13.79 -28.53 -38.60
N PHE B 45 14.33 -28.68 -37.38
CA PHE B 45 14.48 -27.53 -36.50
C PHE B 45 14.90 -26.26 -37.24
N LEU B 46 16.01 -26.29 -37.97
CA LEU B 46 16.51 -25.11 -38.66
C LEU B 46 15.53 -24.64 -39.75
N ILE B 47 14.89 -25.58 -40.46
CA ILE B 47 13.91 -25.23 -41.46
C ILE B 47 12.75 -24.47 -40.82
N LEU B 48 12.33 -24.88 -39.62
CA LEU B 48 11.11 -24.32 -39.05
C LEU B 48 11.34 -22.97 -38.38
N THR B 49 12.49 -22.85 -37.71
CA THR B 49 12.95 -21.61 -37.12
C THR B 49 13.06 -20.52 -38.17
N GLU B 50 13.34 -20.94 -39.38
CA GLU B 50 13.49 -20.03 -40.49
C GLU B 50 12.13 -19.53 -40.96
N MET B 51 11.19 -20.45 -41.17
CA MET B 51 9.82 -20.04 -41.49
C MET B 51 9.26 -19.11 -40.43
N ALA B 52 9.30 -19.53 -39.15
CA ALA B 52 9.08 -18.65 -38.02
C ALA B 52 9.62 -17.24 -38.26
N THR B 53 10.94 -17.09 -38.22
CA THR B 53 11.60 -15.80 -38.46
C THR B 53 10.98 -15.01 -39.61
N ASN B 54 10.71 -15.68 -40.73
CA ASN B 54 10.17 -14.96 -41.88
C ASN B 54 8.70 -14.59 -41.68
N HIS B 55 7.96 -15.46 -41.00
CA HIS B 55 6.58 -15.16 -40.63
C HIS B 55 6.49 -13.88 -39.79
N VAL B 56 7.47 -13.65 -38.91
CA VAL B 56 7.46 -12.44 -38.10
C VAL B 56 7.59 -11.23 -38.99
N GLN B 57 8.48 -11.32 -39.99
CA GLN B 57 8.71 -10.22 -40.91
C GLN B 57 7.47 -9.95 -41.75
N VAL B 58 6.91 -10.99 -42.37
CA VAL B 58 5.59 -10.92 -43.00
C VAL B 58 4.53 -10.33 -42.07
N LEU B 59 4.54 -10.74 -40.80
CA LEU B 59 3.55 -10.24 -39.86
C LEU B 59 3.68 -8.72 -39.69
N VAL B 60 4.91 -8.24 -39.54
CA VAL B 60 5.11 -6.82 -39.32
C VAL B 60 4.70 -6.03 -40.56
N GLU B 61 5.02 -6.55 -41.75
CA GLU B 61 4.60 -5.89 -42.96
C GLU B 61 3.09 -5.93 -43.11
N PHE B 62 2.45 -7.02 -42.66
CA PHE B 62 1.01 -7.07 -42.79
C PHE B 62 0.35 -6.06 -41.87
N THR B 63 1.01 -5.73 -40.77
CA THR B 63 0.38 -4.94 -39.74
C THR B 63 0.48 -3.46 -40.03
N LYS B 64 1.69 -2.97 -40.33
CA LYS B 64 1.87 -1.58 -40.75
C LYS B 64 0.85 -1.16 -41.79
N LYS B 65 0.43 -2.08 -42.67
CA LYS B 65 -0.54 -1.73 -43.70
C LYS B 65 -1.98 -1.77 -43.18
N LEU B 66 -2.25 -2.44 -42.06
CA LEU B 66 -3.57 -2.35 -41.43
C LEU B 66 -4.02 -0.90 -41.37
N PRO B 67 -5.30 -0.61 -41.64
CA PRO B 67 -5.74 0.79 -41.59
C PRO B 67 -5.61 1.31 -40.18
N GLY B 68 -4.92 2.42 -40.04
CA GLY B 68 -4.88 3.13 -38.77
C GLY B 68 -3.80 2.68 -37.80
N PHE B 69 -3.06 1.61 -38.12
CA PHE B 69 -2.11 1.09 -37.15
C PHE B 69 -1.07 2.14 -36.78
N GLN B 70 -0.69 2.99 -37.73
CA GLN B 70 0.38 3.95 -37.53
C GLN B 70 -0.05 5.21 -36.78
N THR B 71 -1.34 5.50 -36.70
CA THR B 71 -1.78 6.59 -35.83
C THR B 71 -1.64 6.26 -34.36
N LEU B 72 -1.33 5.02 -34.04
CA LEU B 72 -1.20 4.62 -32.65
C LEU B 72 0.14 5.11 -32.13
N ASP B 73 0.20 5.32 -30.81
CA ASP B 73 1.46 5.45 -30.09
C ASP B 73 2.46 4.41 -30.58
N HIS B 74 3.63 4.88 -31.01
CA HIS B 74 4.70 4.06 -31.58
C HIS B 74 5.44 3.43 -30.41
N GLU B 75 4.83 2.40 -29.87
CA GLU B 75 5.13 1.90 -28.53
C GLU B 75 3.99 0.94 -28.24
N ASP B 76 2.77 1.46 -28.30
CA ASP B 76 1.61 0.60 -28.34
C ASP B 76 1.63 -0.29 -29.58
N GLN B 77 2.23 0.19 -30.67
CA GLN B 77 2.39 -0.62 -31.87
C GLN B 77 3.36 -1.77 -31.65
N ILE B 78 4.57 -1.46 -31.15
CA ILE B 78 5.49 -2.48 -30.69
C ILE B 78 4.74 -3.47 -29.80
N ALA B 79 4.02 -2.93 -28.80
CA ALA B 79 3.42 -3.75 -27.77
C ALA B 79 2.41 -4.71 -28.37
N LEU B 80 1.60 -4.22 -29.34
CA LEU B 80 0.77 -5.11 -30.14
C LEU B 80 1.61 -6.16 -30.86
N LEU B 81 2.61 -5.71 -31.64
CA LEU B 81 3.38 -6.65 -32.44
C LEU B 81 3.96 -7.77 -31.57
N LYS B 82 4.57 -7.42 -30.44
CA LYS B 82 5.19 -8.45 -29.62
C LYS B 82 4.15 -9.37 -29.02
N GLY B 83 3.07 -8.79 -28.50
CA GLY B 83 2.12 -9.61 -27.80
C GLY B 83 1.09 -10.26 -28.69
N SER B 84 1.39 -10.43 -29.99
CA SER B 84 0.52 -11.21 -30.87
C SER B 84 1.30 -12.09 -31.83
N ALA B 85 2.61 -11.91 -31.95
CA ALA B 85 3.35 -12.69 -32.95
C ALA B 85 3.09 -14.19 -32.76
N VAL B 86 3.22 -14.72 -31.50
CA VAL B 86 3.01 -16.15 -31.26
C VAL B 86 1.58 -16.57 -31.62
N GLU B 87 0.59 -15.71 -31.34
CA GLU B 87 -0.79 -16.11 -31.63
C GLU B 87 -1.12 -16.06 -33.12
N ALA B 88 -0.60 -15.05 -33.85
CA ALA B 88 -0.84 -14.98 -35.28
C ALA B 88 -0.24 -16.18 -36.02
N MET B 89 0.97 -16.62 -35.56
CA MET B 89 1.49 -17.87 -36.12
C MET B 89 0.53 -19.01 -35.80
N PHE B 90 -0.17 -18.96 -34.66
CA PHE B 90 -1.21 -19.97 -34.38
C PHE B 90 -2.35 -19.90 -35.39
N LEU B 91 -2.95 -18.71 -35.55
CA LEU B 91 -3.92 -18.49 -36.61
C LEU B 91 -3.41 -19.04 -37.93
N ARG B 92 -2.20 -18.64 -38.32
CA ARG B 92 -1.66 -19.07 -39.60
C ARG B 92 -1.49 -20.58 -39.65
N SER B 93 -0.72 -21.14 -38.70
CA SER B 93 -0.52 -22.59 -38.62
C SER B 93 -1.78 -23.33 -39.01
N ALA B 94 -2.88 -23.02 -38.31
CA ALA B 94 -4.14 -23.73 -38.49
C ALA B 94 -4.59 -23.66 -39.93
N GLU B 95 -4.59 -22.46 -40.51
CA GLU B 95 -5.06 -22.28 -41.88
C GLU B 95 -4.33 -23.23 -42.81
N ILE B 96 -3.02 -23.11 -42.86
CA ILE B 96 -2.16 -24.00 -43.63
C ILE B 96 -2.63 -25.45 -43.48
N PHE B 97 -2.58 -26.00 -42.26
CA PHE B 97 -3.00 -27.40 -42.09
C PHE B 97 -4.52 -27.60 -42.19
N ASN B 98 -5.26 -26.69 -42.85
CA ASN B 98 -6.70 -26.86 -43.07
C ASN B 98 -7.14 -26.71 -44.53
N LYS B 99 -6.28 -26.24 -45.43
CA LYS B 99 -6.67 -26.01 -46.83
C LYS B 99 -6.93 -27.35 -47.55
N LYS B 100 -7.09 -27.28 -48.87
CA LYS B 100 -7.37 -28.45 -49.72
C LYS B 100 -6.05 -29.17 -50.00
N LEU B 101 -5.59 -29.94 -48.99
CA LEU B 101 -4.30 -30.63 -48.86
C LEU B 101 -3.40 -30.41 -50.07
N PRO B 102 -2.59 -29.35 -50.07
CA PRO B 102 -1.75 -29.04 -51.23
C PRO B 102 -1.00 -30.25 -51.78
N SER B 103 -0.56 -31.17 -50.90
CA SER B 103 0.04 -32.44 -51.28
C SER B 103 1.36 -32.28 -52.03
N GLY B 104 1.72 -31.04 -52.38
CA GLY B 104 3.03 -30.72 -52.92
C GLY B 104 3.94 -30.22 -51.83
N HIS B 105 3.34 -29.94 -50.67
CA HIS B 105 4.05 -29.65 -49.44
C HIS B 105 3.09 -29.88 -48.27
N SER B 106 3.07 -28.96 -47.31
CA SER B 106 2.12 -28.98 -46.19
C SER B 106 2.14 -30.28 -45.40
N ASP B 107 2.01 -31.42 -46.07
CA ASP B 107 2.01 -32.67 -45.33
C ASP B 107 3.40 -32.98 -44.80
N LEU B 108 4.42 -32.62 -45.58
CA LEU B 108 5.81 -32.78 -45.17
C LEU B 108 6.20 -31.73 -44.15
N LEU B 109 5.59 -30.55 -44.22
CA LEU B 109 5.68 -29.57 -43.15
C LEU B 109 5.32 -30.20 -41.81
N GLU B 110 4.20 -30.91 -41.76
CA GLU B 110 3.79 -31.61 -40.55
C GLU B 110 4.77 -32.72 -40.20
N ALA B 111 5.16 -33.52 -41.19
CA ALA B 111 6.11 -34.60 -40.96
C ALA B 111 7.41 -34.08 -40.36
N ARG B 112 7.80 -32.84 -40.69
CA ARG B 112 9.03 -32.29 -40.10
C ARG B 112 8.81 -31.77 -38.69
N ILE B 113 7.56 -31.56 -38.27
CA ILE B 113 7.26 -30.99 -36.97
C ILE B 113 7.29 -32.07 -35.89
N ARG B 114 6.74 -33.24 -36.20
CA ARG B 114 6.79 -34.34 -35.26
C ARG B 114 8.18 -34.91 -35.14
N ASN B 115 9.09 -34.53 -36.04
CA ASN B 115 10.49 -34.94 -35.99
C ASN B 115 11.39 -33.69 -36.03
N SER B 116 11.29 -32.89 -34.96
CA SER B 116 12.15 -31.71 -34.83
C SER B 116 12.43 -31.39 -33.38
N GLY B 117 12.13 -32.30 -32.46
CA GLY B 117 12.63 -32.17 -31.11
C GLY B 117 11.67 -31.49 -30.17
N ILE B 118 10.38 -31.43 -30.55
CA ILE B 118 9.31 -30.92 -29.70
C ILE B 118 8.58 -32.11 -29.12
N SER B 119 8.23 -32.01 -27.84
CA SER B 119 7.48 -33.05 -27.16
C SER B 119 6.29 -33.52 -28.00
N ASP B 120 6.03 -34.83 -27.95
CA ASP B 120 4.78 -35.38 -28.44
C ASP B 120 3.63 -34.97 -27.54
N GLU B 121 3.92 -34.75 -26.25
CA GLU B 121 2.96 -34.22 -25.30
C GLU B 121 2.45 -32.84 -25.74
N TYR B 122 3.31 -32.03 -26.35
CA TYR B 122 2.94 -30.69 -26.76
C TYR B 122 2.36 -30.66 -28.16
N ILE B 123 2.80 -31.56 -29.04
CA ILE B 123 2.46 -31.44 -30.45
C ILE B 123 1.01 -31.83 -30.69
N THR B 124 0.58 -32.99 -30.17
CA THR B 124 -0.76 -33.49 -30.51
C THR B 124 -1.90 -32.64 -29.94
N PRO B 125 -1.78 -31.97 -28.81
CA PRO B 125 -2.72 -30.88 -28.52
C PRO B 125 -2.84 -29.86 -29.65
N MET B 126 -1.71 -29.39 -30.21
CA MET B 126 -1.72 -28.28 -31.14
C MET B 126 -2.51 -28.61 -32.39
N PHE B 127 -2.27 -29.79 -32.97
CA PHE B 127 -3.01 -30.15 -34.17
C PHE B 127 -4.47 -30.41 -33.84
N SER B 128 -4.74 -30.90 -32.62
CA SER B 128 -6.10 -31.04 -32.11
C SER B 128 -6.85 -29.72 -32.21
N PHE B 129 -6.25 -28.64 -31.71
CA PHE B 129 -6.83 -27.31 -31.81
C PHE B 129 -6.96 -26.85 -33.27
N TYR B 130 -5.88 -27.02 -34.06
CA TYR B 130 -5.94 -26.59 -35.46
C TYR B 130 -7.06 -27.28 -36.22
N LYS B 131 -7.46 -28.48 -35.78
CA LYS B 131 -8.63 -29.09 -36.40
C LYS B 131 -9.92 -28.39 -35.95
N SER B 132 -9.99 -28.02 -34.66
CA SER B 132 -11.16 -27.31 -34.15
C SER B 132 -11.40 -26.00 -34.88
N ILE B 133 -10.32 -25.33 -35.33
CA ILE B 133 -10.50 -24.15 -36.16
C ILE B 133 -10.92 -24.52 -37.57
N GLY B 134 -10.74 -25.79 -37.97
CA GLY B 134 -11.29 -26.25 -39.22
C GLY B 134 -12.76 -26.59 -39.11
N GLU B 135 -13.19 -27.02 -37.94
CA GLU B 135 -14.62 -27.24 -37.75
C GLU B 135 -15.39 -25.93 -37.52
N LEU B 136 -14.70 -24.85 -37.90
CA LEU B 136 -15.34 -23.59 -38.17
C LEU B 136 -15.45 -23.31 -39.67
N LYS B 137 -14.60 -23.97 -40.48
CA LYS B 137 -14.58 -23.84 -41.94
C LYS B 137 -14.49 -22.37 -42.37
N MET B 138 -13.44 -21.71 -41.88
CA MET B 138 -13.21 -20.31 -42.20
C MET B 138 -12.67 -20.14 -43.62
N THR B 139 -12.83 -18.92 -44.15
CA THR B 139 -12.25 -18.55 -45.43
C THR B 139 -10.96 -17.75 -45.22
N GLN B 140 -10.35 -17.28 -46.31
CA GLN B 140 -9.13 -16.47 -46.14
C GLN B 140 -9.47 -15.07 -45.67
N GLU B 141 -10.61 -14.52 -46.10
CA GLU B 141 -11.02 -13.25 -45.51
C GLU B 141 -11.32 -13.40 -44.02
N GLU B 142 -11.86 -14.56 -43.60
CA GLU B 142 -12.12 -14.74 -42.18
C GLU B 142 -10.82 -15.00 -41.41
N TYR B 143 -9.95 -15.86 -41.94
CA TYR B 143 -8.61 -16.01 -41.35
C TYR B 143 -7.87 -14.68 -41.32
N ALA B 144 -7.91 -13.94 -42.44
CA ALA B 144 -7.25 -12.63 -42.50
C ALA B 144 -7.74 -11.72 -41.39
N LEU B 145 -9.06 -11.55 -41.27
CA LEU B 145 -9.64 -10.69 -40.24
C LEU B 145 -9.18 -11.14 -38.84
N LEU B 146 -9.46 -12.42 -38.49
CA LEU B 146 -9.18 -12.95 -37.15
C LEU B 146 -7.77 -12.58 -36.70
N THR B 147 -6.75 -12.95 -37.53
CA THR B 147 -5.41 -12.36 -37.54
C THR B 147 -5.48 -10.90 -37.14
N ALA B 148 -5.99 -10.06 -38.04
CA ALA B 148 -5.92 -8.61 -37.82
C ALA B 148 -6.52 -8.24 -36.46
N ILE B 149 -7.72 -8.79 -36.19
CA ILE B 149 -8.36 -8.71 -34.89
C ILE B 149 -7.45 -9.17 -33.74
N VAL B 150 -6.55 -10.15 -33.97
CA VAL B 150 -5.66 -10.59 -32.88
C VAL B 150 -4.57 -9.57 -32.63
N ILE B 151 -3.92 -9.09 -33.71
CA ILE B 151 -2.89 -8.05 -33.52
C ILE B 151 -3.50 -6.83 -32.82
N LEU B 152 -4.64 -6.31 -33.31
CA LEU B 152 -5.19 -5.09 -32.70
C LEU B 152 -6.10 -5.47 -31.54
N SER B 153 -5.46 -5.90 -30.46
CA SER B 153 -6.18 -6.29 -29.24
C SER B 153 -5.79 -5.35 -28.13
N PRO B 154 -6.70 -4.52 -27.60
CA PRO B 154 -6.29 -3.57 -26.55
C PRO B 154 -6.09 -4.25 -25.20
N ASP B 155 -6.43 -5.51 -25.06
CA ASP B 155 -6.20 -6.23 -23.82
C ASP B 155 -4.71 -6.51 -23.55
N ARG B 156 -3.81 -6.32 -24.53
CA ARG B 156 -2.38 -6.61 -24.40
C ARG B 156 -1.70 -5.83 -23.28
N GLN B 157 -0.85 -6.54 -22.53
CA GLN B 157 0.03 -5.90 -21.55
C GLN B 157 0.80 -4.75 -22.17
N TYR B 158 1.03 -3.71 -21.35
CA TYR B 158 1.83 -2.54 -21.63
C TYR B 158 1.22 -1.65 -22.70
N ILE B 159 -0.04 -1.87 -23.04
CA ILE B 159 -0.73 -0.88 -23.84
C ILE B 159 -0.99 0.32 -22.96
N LYS B 160 -0.65 1.50 -23.47
CA LYS B 160 -1.01 2.71 -22.76
C LYS B 160 -2.44 3.08 -23.07
N ASP B 161 -2.72 3.33 -24.36
CA ASP B 161 -4.00 3.85 -24.82
C ASP B 161 -4.75 2.69 -25.46
N ARG B 162 -5.68 2.09 -24.69
CA ARG B 162 -6.43 0.94 -25.19
C ARG B 162 -7.55 1.40 -26.10
N GLU B 163 -8.28 2.42 -25.67
CA GLU B 163 -9.39 2.95 -26.45
C GLU B 163 -8.96 3.23 -27.88
N ALA B 164 -7.71 3.65 -28.09
CA ALA B 164 -7.21 3.81 -29.46
C ALA B 164 -7.18 2.46 -30.17
N VAL B 165 -6.49 1.47 -29.56
CA VAL B 165 -6.51 0.10 -30.09
C VAL B 165 -7.96 -0.40 -30.14
N GLU B 166 -8.72 -0.17 -29.08
CA GLU B 166 -10.11 -0.59 -29.05
C GLU B 166 -10.91 0.01 -30.20
N LYS B 167 -10.54 1.21 -30.67
CA LYS B 167 -11.31 1.84 -31.75
C LYS B 167 -11.04 1.18 -33.09
N LEU B 168 -9.81 0.70 -33.30
CA LEU B 168 -9.42 0.06 -34.57
C LEU B 168 -9.92 -1.36 -34.70
N GLN B 169 -10.29 -1.99 -33.59
CA GLN B 169 -10.62 -3.41 -33.64
C GLN B 169 -12.07 -3.60 -34.06
N GLU B 170 -12.98 -2.87 -33.38
CA GLU B 170 -14.41 -3.07 -33.54
C GLU B 170 -14.89 -3.08 -34.98
N PRO B 171 -14.43 -2.19 -35.88
CA PRO B 171 -14.82 -2.34 -37.29
C PRO B 171 -14.44 -3.70 -37.84
N LEU B 172 -13.19 -4.11 -37.65
CA LEU B 172 -12.75 -5.47 -37.98
C LEU B 172 -13.68 -6.52 -37.41
N LEU B 173 -14.09 -6.35 -36.16
CA LEU B 173 -15.01 -7.32 -35.58
C LEU B 173 -16.34 -7.33 -36.31
N ASP B 174 -16.92 -6.15 -36.53
CA ASP B 174 -18.23 -6.10 -37.19
C ASP B 174 -18.20 -6.70 -38.59
N VAL B 175 -17.06 -6.60 -39.28
CA VAL B 175 -17.02 -7.19 -40.62
C VAL B 175 -16.87 -8.70 -40.53
N LEU B 176 -16.01 -9.18 -39.63
CA LEU B 176 -15.94 -10.61 -39.38
C LEU B 176 -17.28 -11.12 -38.89
N GLN B 177 -18.02 -10.30 -38.14
CA GLN B 177 -19.31 -10.75 -37.66
C GLN B 177 -20.40 -10.72 -38.74
N LYS B 178 -20.32 -9.79 -39.70
CA LYS B 178 -21.26 -9.81 -40.83
C LYS B 178 -20.92 -10.91 -41.81
N LEU B 179 -19.65 -11.31 -41.89
CA LEU B 179 -19.31 -12.41 -42.78
C LEU B 179 -19.82 -13.73 -42.20
N CYS B 180 -19.94 -13.82 -40.89
CA CYS B 180 -20.43 -15.06 -40.29
C CYS B 180 -21.94 -15.21 -40.40
N LYS B 181 -22.67 -14.09 -40.36
CA LYS B 181 -24.11 -14.14 -40.65
C LYS B 181 -24.36 -14.71 -42.03
N ILE B 182 -23.56 -14.31 -43.01
CA ILE B 182 -23.79 -14.73 -44.40
C ILE B 182 -23.40 -16.19 -44.59
N HIS B 183 -22.21 -16.57 -44.13
CA HIS B 183 -21.69 -17.90 -44.40
C HIS B 183 -22.33 -18.98 -43.53
N GLN B 184 -22.84 -18.62 -42.36
CA GLN B 184 -23.54 -19.55 -41.48
C GLN B 184 -24.68 -18.83 -40.78
N PRO B 185 -25.74 -18.48 -41.51
CA PRO B 185 -26.94 -17.92 -40.84
C PRO B 185 -27.63 -18.95 -39.96
N GLU B 186 -27.42 -20.24 -40.23
CA GLU B 186 -27.96 -21.37 -39.48
C GLU B 186 -27.11 -21.72 -38.26
N ASN B 187 -26.54 -20.70 -37.60
CA ASN B 187 -25.97 -20.73 -36.25
C ASN B 187 -25.62 -19.30 -35.87
N PRO B 188 -26.50 -18.57 -35.19
CA PRO B 188 -26.13 -17.22 -34.76
C PRO B 188 -25.03 -17.21 -33.70
N GLN B 189 -24.98 -18.23 -32.85
CA GLN B 189 -23.94 -18.25 -31.84
C GLN B 189 -22.50 -18.57 -32.43
N HIS B 190 -22.34 -18.46 -33.76
CA HIS B 190 -21.11 -18.91 -34.43
C HIS B 190 -20.03 -17.83 -34.41
N PHE B 191 -20.40 -16.58 -34.76
CA PHE B 191 -19.50 -15.46 -34.57
C PHE B 191 -19.05 -15.35 -33.12
N ALA B 192 -19.81 -15.91 -32.18
CA ALA B 192 -19.39 -16.08 -30.79
C ALA B 192 -18.49 -17.29 -30.54
N CYS B 193 -18.60 -18.38 -31.32
CA CYS B 193 -17.52 -19.37 -31.25
C CYS B 193 -16.27 -19.02 -32.07
N LEU B 194 -16.16 -17.83 -32.66
CA LEU B 194 -14.82 -17.36 -33.03
C LEU B 194 -14.19 -16.65 -31.86
N LEU B 195 -14.95 -15.78 -31.20
CA LEU B 195 -14.44 -14.98 -30.11
C LEU B 195 -13.96 -15.85 -28.96
N GLY B 196 -14.36 -17.11 -28.91
CA GLY B 196 -13.89 -18.03 -27.89
C GLY B 196 -12.56 -18.58 -28.27
N ARG B 197 -12.39 -18.83 -29.58
CA ARG B 197 -11.11 -19.30 -30.10
C ARG B 197 -10.01 -18.29 -29.82
N LEU B 198 -10.38 -17.03 -29.71
CA LEU B 198 -9.38 -16.00 -29.50
C LEU B 198 -8.87 -16.05 -28.05
N THR B 199 -9.75 -16.32 -27.09
CA THR B 199 -9.32 -16.59 -25.72
C THR B 199 -8.52 -17.89 -25.64
N GLU B 200 -8.95 -18.91 -26.40
CA GLU B 200 -8.24 -20.18 -26.41
C GLU B 200 -6.80 -20.00 -26.89
N LEU B 201 -6.64 -19.18 -27.93
CA LEU B 201 -5.33 -18.84 -28.51
C LEU B 201 -4.37 -18.32 -27.46
N ARG B 202 -4.88 -17.54 -26.50
CA ARG B 202 -4.05 -16.97 -25.46
C ARG B 202 -3.50 -18.06 -24.55
N THR B 203 -4.29 -19.07 -24.22
CA THR B 203 -3.78 -20.05 -23.27
C THR B 203 -2.58 -20.78 -23.89
N PHE B 204 -2.68 -21.10 -25.19
CA PHE B 204 -1.57 -21.72 -25.92
C PHE B 204 -0.30 -20.85 -25.94
N ASN B 205 -0.44 -19.52 -25.91
CA ASN B 205 0.71 -18.64 -25.81
C ASN B 205 1.62 -19.09 -24.65
N HIS B 206 1.01 -19.35 -23.50
N HIS B 206 1.02 -19.35 -23.49
CA HIS B 206 1.76 -19.78 -22.32
CA HIS B 206 1.80 -19.78 -22.33
C HIS B 206 2.35 -21.17 -22.54
C HIS B 206 2.36 -21.17 -22.54
N HIS B 207 1.56 -22.08 -23.13
CA HIS B 207 2.08 -23.39 -23.50
C HIS B 207 3.29 -23.28 -24.42
N HIS B 208 3.22 -22.33 -25.37
CA HIS B 208 4.28 -22.15 -26.35
C HIS B 208 5.56 -21.61 -25.68
N ALA B 209 5.40 -20.87 -24.59
CA ALA B 209 6.57 -20.36 -23.87
C ALA B 209 7.26 -21.47 -23.07
N GLU B 210 6.49 -22.20 -22.27
CA GLU B 210 7.07 -23.29 -21.47
C GLU B 210 7.74 -24.33 -22.36
N MET B 211 7.24 -24.53 -23.59
CA MET B 211 7.79 -25.57 -24.45
C MET B 211 9.15 -25.17 -24.98
N LEU B 212 9.28 -23.91 -25.37
CA LEU B 212 10.54 -23.29 -25.76
C LEU B 212 11.67 -23.66 -24.81
N MET B 213 11.36 -23.67 -23.51
CA MET B 213 12.36 -23.97 -22.49
C MET B 213 12.93 -25.37 -22.65
N SER B 214 12.17 -26.28 -23.23
CA SER B 214 12.67 -27.62 -23.53
C SER B 214 13.26 -27.74 -24.94
N TRP B 215 12.74 -26.98 -25.90
CA TRP B 215 13.06 -27.22 -27.30
C TRP B 215 14.49 -26.87 -27.66
N ARG B 216 15.42 -27.81 -27.50
CA ARG B 216 16.80 -27.65 -27.96
C ARG B 216 17.17 -28.83 -28.84
N VAL B 217 18.21 -28.63 -29.65
CA VAL B 217 18.63 -29.63 -30.64
C VAL B 217 20.14 -29.51 -30.79
N ASN B 218 20.92 -30.33 -30.08
CA ASN B 218 22.37 -30.35 -30.25
C ASN B 218 22.94 -28.93 -30.38
N ASP B 219 23.12 -28.27 -29.24
CA ASP B 219 23.22 -26.81 -29.23
C ASP B 219 22.16 -26.24 -30.16
N HIS B 220 22.57 -25.57 -31.25
CA HIS B 220 21.68 -24.93 -32.22
C HIS B 220 20.77 -23.90 -31.55
N LYS B 221 21.23 -22.65 -31.54
CA LYS B 221 20.46 -21.48 -31.11
C LYS B 221 19.31 -21.17 -32.08
N PHE B 222 18.33 -20.38 -31.59
CA PHE B 222 17.28 -19.75 -32.40
C PHE B 222 17.83 -18.51 -33.12
N THR B 223 17.11 -18.03 -34.15
CA THR B 223 17.49 -16.76 -34.78
C THR B 223 17.39 -15.65 -33.76
N PRO B 224 18.28 -14.67 -33.78
CA PRO B 224 18.13 -13.54 -32.86
C PRO B 224 16.74 -12.92 -32.81
N LEU B 225 16.03 -12.78 -33.95
CA LEU B 225 14.72 -12.14 -33.94
C LEU B 225 13.68 -13.01 -33.23
N LEU B 226 13.82 -14.34 -33.32
CA LEU B 226 12.97 -15.24 -32.53
C LEU B 226 13.22 -15.09 -31.03
N CYS B 227 14.45 -14.78 -30.62
CA CYS B 227 14.73 -14.75 -29.18
C CYS B 227 14.18 -13.49 -28.55
N GLU B 228 14.33 -12.36 -29.27
CA GLU B 228 13.57 -11.15 -28.99
C GLU B 228 12.07 -11.44 -28.93
N ILE B 229 11.54 -12.11 -29.94
CA ILE B 229 10.10 -12.19 -30.12
C ILE B 229 9.48 -13.23 -29.22
N TRP B 230 10.17 -14.37 -29.04
CA TRP B 230 9.70 -15.46 -28.23
C TRP B 230 10.24 -15.43 -26.82
N ASP B 231 10.99 -14.38 -26.45
CA ASP B 231 11.66 -14.27 -25.15
C ASP B 231 12.28 -15.59 -24.69
N VAL B 232 13.39 -15.99 -25.30
CA VAL B 232 13.95 -17.33 -25.13
C VAL B 232 14.87 -17.45 -23.92
N GLN B 233 16.03 -16.79 -23.98
CA GLN B 233 17.08 -16.93 -22.94
C GLN B 233 18.24 -15.97 -23.21
N LEU C 6 3.67 35.32 18.08
CA LEU C 6 2.90 34.52 17.12
C LEU C 6 2.72 35.26 15.78
N THR C 7 3.35 34.74 14.74
CA THR C 7 3.37 35.36 13.42
C THR C 7 2.00 35.28 12.74
N PRO C 8 1.84 35.80 11.51
CA PRO C 8 0.61 35.48 10.77
C PRO C 8 0.53 34.02 10.33
N ASP C 9 1.66 33.42 9.99
CA ASP C 9 1.68 32.02 9.57
C ASP C 9 1.37 31.08 10.72
N GLN C 10 1.78 31.42 11.94
CA GLN C 10 1.55 30.50 13.05
C GLN C 10 0.11 30.54 13.52
N GLN C 11 -0.48 31.73 13.63
CA GLN C 11 -1.89 31.81 13.99
C GLN C 11 -2.76 31.08 12.95
N THR C 12 -2.42 31.25 11.65
CA THR C 12 -3.07 30.52 10.56
C THR C 12 -2.75 29.03 10.58
N LEU C 13 -2.13 28.59 11.66
CA LEU C 13 -1.97 27.18 12.02
C LEU C 13 -2.60 26.85 13.37
N LEU C 14 -2.46 27.75 14.35
CA LEU C 14 -2.99 27.48 15.69
C LEU C 14 -4.51 27.34 15.68
N HIS C 15 -5.19 28.18 14.90
CA HIS C 15 -6.61 28.00 14.65
C HIS C 15 -6.89 26.59 14.13
N PHE C 16 -6.26 26.26 13.00
CA PHE C 16 -6.49 24.98 12.33
C PHE C 16 -6.33 23.79 13.29
N ILE C 17 -5.33 23.83 14.16
CA ILE C 17 -5.12 22.74 15.10
C ILE C 17 -6.12 22.82 16.25
N MET C 18 -6.44 24.03 16.70
CA MET C 18 -7.50 24.16 17.70
C MET C 18 -8.82 23.65 17.13
N ASP C 19 -9.11 23.99 15.88
CA ASP C 19 -10.38 23.61 15.27
C ASP C 19 -10.51 22.09 15.16
N SER C 20 -9.65 21.45 14.36
CA SER C 20 -9.73 20.01 14.19
C SER C 20 -9.80 19.31 15.54
N TYR C 21 -9.07 19.84 16.52
CA TYR C 21 -9.23 19.38 17.90
C TYR C 21 -10.69 19.44 18.34
N ASN C 22 -11.31 20.60 18.10
CA ASN C 22 -12.65 20.86 18.59
C ASN C 22 -13.70 20.09 17.78
N LYS C 23 -13.46 19.89 16.48
CA LYS C 23 -14.51 19.42 15.56
C LYS C 23 -15.27 18.22 16.11
N GLN C 24 -14.57 17.20 16.58
CA GLN C 24 -15.22 16.00 17.06
C GLN C 24 -15.08 15.86 18.58
N ARG C 25 -16.18 15.46 19.23
CA ARG C 25 -16.20 14.99 20.63
C ARG C 25 -17.16 13.81 20.73
N MET C 26 -17.34 13.29 21.94
CA MET C 26 -18.10 12.06 22.15
C MET C 26 -19.52 12.14 21.58
N PRO C 27 -19.96 11.13 20.82
CA PRO C 27 -21.36 11.10 20.37
C PRO C 27 -22.35 10.96 21.52
N GLN C 28 -23.43 11.74 21.42
CA GLN C 28 -24.51 11.80 22.39
C GLN C 28 -24.90 10.41 22.90
N GLU C 29 -25.01 9.43 22.00
CA GLU C 29 -25.40 8.08 22.42
C GLU C 29 -24.47 7.54 23.50
N ILE C 30 -23.16 7.82 23.38
CA ILE C 30 -22.22 7.23 24.32
C ILE C 30 -22.37 7.88 25.69
N THR C 31 -22.53 9.20 25.72
CA THR C 31 -22.64 9.93 26.98
C THR C 31 -23.81 9.42 27.81
N ASN C 32 -24.90 9.04 27.14
CA ASN C 32 -26.01 8.43 27.87
C ASN C 32 -25.53 7.28 28.73
N LYS C 33 -24.89 6.28 28.11
CA LYS C 33 -24.33 5.14 28.82
C LYS C 33 -23.58 5.58 30.08
N ILE C 34 -22.92 6.73 30.01
CA ILE C 34 -22.13 7.21 31.14
C ILE C 34 -23.05 7.70 32.25
N LEU C 35 -24.08 8.48 31.89
CA LEU C 35 -24.89 9.21 32.85
C LEU C 35 -26.05 8.38 33.41
N LYS C 36 -26.54 7.40 32.64
CA LYS C 36 -27.74 6.62 32.98
C LYS C 36 -27.55 5.19 32.47
N GLU C 37 -26.77 4.39 33.20
CA GLU C 37 -26.58 2.99 32.83
C GLU C 37 -25.89 2.28 33.97
N ALA C 38 -26.16 0.98 34.08
CA ALA C 38 -25.89 0.20 35.28
C ALA C 38 -24.44 0.32 35.72
N PHE C 39 -24.22 0.15 37.02
CA PHE C 39 -22.89 0.25 37.60
C PHE C 39 -22.35 -1.14 37.94
N SER C 40 -22.16 -1.92 36.87
CA SER C 40 -21.53 -3.22 36.95
C SER C 40 -20.14 -3.16 36.34
N ALA C 41 -19.25 -4.03 36.82
CA ALA C 41 -17.97 -4.22 36.13
C ALA C 41 -18.20 -4.62 34.69
N GLU C 42 -19.33 -5.30 34.42
CA GLU C 42 -19.69 -5.69 33.06
C GLU C 42 -19.94 -4.47 32.18
N GLU C 43 -20.96 -3.68 32.52
CA GLU C 43 -21.33 -2.56 31.66
C GLU C 43 -20.31 -1.44 31.73
N ASN C 44 -19.78 -1.14 32.92
CA ASN C 44 -18.72 -0.14 33.02
C ASN C 44 -17.56 -0.46 32.08
N PHE C 45 -17.06 -1.69 32.13
CA PHE C 45 -16.09 -2.14 31.14
C PHE C 45 -16.57 -1.84 29.72
N LEU C 46 -17.82 -2.21 29.42
CA LEU C 46 -18.36 -2.00 28.09
C LEU C 46 -18.45 -0.52 27.74
N ILE C 47 -18.76 0.32 28.72
CA ILE C 47 -18.92 1.74 28.45
C ILE C 47 -17.57 2.36 28.12
N LEU C 48 -16.53 1.96 28.84
CA LEU C 48 -15.21 2.55 28.61
C LEU C 48 -14.64 2.13 27.26
N THR C 49 -14.70 0.82 26.95
CA THR C 49 -14.18 0.33 25.67
C THR C 49 -14.80 1.07 24.50
N GLU C 50 -16.02 1.57 24.66
CA GLU C 50 -16.67 2.32 23.60
C GLU C 50 -16.21 3.77 23.53
N MET C 51 -15.72 4.32 24.63
CA MET C 51 -15.16 5.66 24.59
C MET C 51 -13.76 5.64 24.00
N ALA C 52 -12.94 4.68 24.41
CA ALA C 52 -11.68 4.44 23.73
C ALA C 52 -11.90 4.35 22.22
N THR C 53 -12.89 3.54 21.82
CA THR C 53 -13.13 3.29 20.41
C THR C 53 -13.54 4.55 19.68
N ASN C 54 -14.43 5.35 20.26
CA ASN C 54 -14.64 6.66 19.66
C ASN C 54 -13.35 7.46 19.67
N HIS C 55 -12.65 7.48 20.81
CA HIS C 55 -11.37 8.16 20.95
C HIS C 55 -10.41 7.95 19.77
N VAL C 56 -10.09 6.67 19.49
CA VAL C 56 -9.21 6.34 18.37
C VAL C 56 -9.79 6.86 17.05
N GLN C 57 -11.07 6.59 16.77
CA GLN C 57 -11.67 7.20 15.59
C GLN C 57 -11.41 8.70 15.57
N VAL C 58 -11.85 9.38 16.63
CA VAL C 58 -11.59 10.81 16.76
C VAL C 58 -10.12 11.11 16.59
N LEU C 59 -9.26 10.23 17.11
CA LEU C 59 -7.83 10.48 17.01
C LEU C 59 -7.37 10.45 15.57
N VAL C 60 -7.92 9.53 14.77
CA VAL C 60 -7.53 9.43 13.37
C VAL C 60 -8.07 10.63 12.60
N GLU C 61 -9.33 10.98 12.78
CA GLU C 61 -9.86 12.16 12.12
C GLU C 61 -9.16 13.43 12.55
N PHE C 62 -8.36 13.38 13.63
CA PHE C 62 -7.51 14.51 13.99
C PHE C 62 -6.13 14.41 13.35
N THR C 63 -5.59 13.19 13.31
CA THR C 63 -4.25 12.98 12.80
C THR C 63 -4.17 13.30 11.32
N LYS C 64 -5.12 12.81 10.52
CA LYS C 64 -5.02 12.99 9.08
C LYS C 64 -5.45 14.39 8.64
N LYS C 65 -5.83 15.25 9.58
CA LYS C 65 -6.00 16.67 9.30
C LYS C 65 -4.87 17.49 9.90
N LEU C 66 -3.81 16.82 10.38
CA LEU C 66 -2.54 17.47 10.65
C LEU C 66 -1.93 17.97 9.33
N PRO C 67 -1.29 19.13 9.34
CA PRO C 67 -0.85 19.73 8.07
C PRO C 67 0.16 18.85 7.36
N GLY C 68 -0.10 18.62 6.07
CA GLY C 68 0.74 17.74 5.27
C GLY C 68 1.03 16.39 5.89
N PHE C 69 0.20 15.96 6.85
CA PHE C 69 0.34 14.61 7.38
C PHE C 69 0.24 13.59 6.29
N GLN C 70 -0.55 13.89 5.26
CA GLN C 70 -0.92 12.92 4.23
C GLN C 70 0.14 12.72 3.17
N THR C 71 1.16 13.59 3.11
CA THR C 71 2.28 13.37 2.19
C THR C 71 3.21 12.28 2.64
N LEU C 72 3.15 11.89 3.91
CA LEU C 72 4.09 10.94 4.45
C LEU C 72 3.92 9.56 3.80
N ASP C 73 5.01 8.81 3.74
CA ASP C 73 4.95 7.39 3.41
C ASP C 73 3.86 6.74 4.23
N HIS C 74 2.90 6.12 3.53
CA HIS C 74 1.71 5.57 4.18
C HIS C 74 2.07 4.53 5.24
N GLU C 75 3.24 3.90 5.15
CA GLU C 75 3.63 2.95 6.19
C GLU C 75 4.08 3.66 7.46
N ASP C 76 4.52 4.91 7.34
CA ASP C 76 4.81 5.72 8.52
C ASP C 76 3.53 6.28 9.10
N GLN C 77 2.64 6.78 8.22
CA GLN C 77 1.32 7.26 8.62
C GLN C 77 0.61 6.27 9.50
N ILE C 78 0.88 4.98 9.33
CA ILE C 78 0.29 3.97 10.19
C ILE C 78 0.98 4.00 11.55
N ALA C 79 2.32 3.99 11.56
CA ALA C 79 3.12 3.90 12.77
C ALA C 79 3.20 5.20 13.56
N LEU C 80 2.83 6.33 12.95
CA LEU C 80 2.55 7.50 13.76
C LEU C 80 1.20 7.34 14.47
N LEU C 81 0.21 6.74 13.81
CA LEU C 81 -1.02 6.48 14.53
C LEU C 81 -0.80 5.43 15.61
N LYS C 82 -0.07 4.39 15.30
CA LYS C 82 -0.05 3.20 16.13
C LYS C 82 0.78 3.40 17.41
N GLY C 83 1.76 4.30 17.38
CA GLY C 83 2.66 4.42 18.51
C GLY C 83 2.29 5.57 19.43
N SER C 84 1.60 6.56 18.85
CA SER C 84 1.06 7.70 19.56
C SER C 84 -0.35 7.48 20.10
N ALA C 85 -1.03 6.41 19.66
CA ALA C 85 -2.40 6.15 20.11
C ALA C 85 -2.52 6.10 21.63
N VAL C 86 -1.79 5.17 22.26
CA VAL C 86 -1.97 4.93 23.68
C VAL C 86 -1.61 6.18 24.48
N GLU C 87 -0.59 6.91 24.02
CA GLU C 87 -0.22 8.15 24.70
C GLU C 87 -1.32 9.19 24.56
N ALA C 88 -1.77 9.44 23.32
CA ALA C 88 -2.83 10.43 23.10
C ALA C 88 -4.04 10.17 24.01
N MET C 89 -4.41 8.90 24.18
CA MET C 89 -5.51 8.61 25.10
C MET C 89 -5.14 9.02 26.52
N PHE C 90 -3.89 8.78 26.93
CA PHE C 90 -3.43 9.23 28.24
C PHE C 90 -3.43 10.75 28.36
N LEU C 91 -2.93 11.43 27.34
CA LEU C 91 -2.81 12.87 27.48
C LEU C 91 -4.19 13.53 27.57
N ARG C 92 -5.18 12.98 26.85
CA ARG C 92 -6.53 13.50 26.96
C ARG C 92 -7.18 13.05 28.26
N SER C 93 -6.89 11.82 28.71
CA SER C 93 -7.21 11.38 30.07
C SER C 93 -6.89 12.42 31.14
N ALA C 94 -5.69 12.96 31.11
CA ALA C 94 -5.27 14.05 31.99
C ALA C 94 -5.78 15.42 31.56
N GLU C 95 -6.55 15.53 30.48
CA GLU C 95 -7.29 16.75 30.24
C GLU C 95 -8.74 16.65 30.68
N ILE C 96 -9.22 15.44 30.93
CA ILE C 96 -10.61 15.26 31.33
C ILE C 96 -10.77 15.46 32.84
N PHE C 97 -9.86 14.90 33.62
CA PHE C 97 -9.92 14.99 35.06
C PHE C 97 -9.30 16.29 35.60
N ASN C 98 -9.03 17.26 34.72
CA ASN C 98 -8.50 18.56 35.13
C ASN C 98 -9.17 19.73 34.42
N LYS C 99 -10.36 19.52 33.84
CA LYS C 99 -11.15 20.57 33.17
C LYS C 99 -12.29 19.93 32.39
N LYS C 100 -12.96 20.74 31.56
CA LYS C 100 -14.02 20.27 30.66
C LYS C 100 -15.15 19.55 31.43
N LEU C 101 -15.60 20.15 32.54
CA LEU C 101 -16.63 19.54 33.36
C LEU C 101 -17.17 20.47 34.45
N PRO C 102 -16.34 20.86 35.46
CA PRO C 102 -16.84 21.27 36.79
C PRO C 102 -18.35 21.19 37.03
N SER C 103 -18.88 19.98 37.06
CA SER C 103 -20.30 19.74 37.27
C SER C 103 -20.57 18.26 37.52
N GLY C 104 -19.62 17.58 38.17
CA GLY C 104 -19.78 16.18 38.52
C GLY C 104 -19.73 15.19 37.37
N HIS C 105 -19.75 15.62 36.12
CA HIS C 105 -19.65 14.67 35.01
C HIS C 105 -18.34 13.89 35.06
N SER C 106 -17.24 14.54 35.40
CA SER C 106 -15.96 13.83 35.49
C SER C 106 -15.86 13.01 36.78
N ASP C 107 -16.49 13.47 37.86
CA ASP C 107 -16.55 12.67 39.09
C ASP C 107 -17.30 11.38 38.85
N LEU C 108 -18.26 11.39 37.93
CA LEU C 108 -19.00 10.18 37.57
C LEU C 108 -18.13 9.22 36.77
N LEU C 109 -17.35 9.73 35.81
CA LEU C 109 -16.44 8.86 35.07
C LEU C 109 -15.38 8.26 35.98
N GLU C 110 -14.82 9.07 36.89
CA GLU C 110 -13.81 8.56 37.83
C GLU C 110 -14.33 7.35 38.60
N ALA C 111 -15.59 7.42 39.07
CA ALA C 111 -16.18 6.29 39.76
C ALA C 111 -16.44 5.13 38.82
N ARG C 112 -16.91 5.42 37.60
CA ARG C 112 -17.12 4.37 36.59
C ARG C 112 -15.83 3.60 36.33
N ILE C 113 -14.71 4.33 36.17
CA ILE C 113 -13.43 3.73 35.81
C ILE C 113 -12.93 2.81 36.92
N ARG C 114 -13.05 3.24 38.17
CA ARG C 114 -12.55 2.45 39.28
C ARG C 114 -13.20 1.07 39.31
N ASN C 115 -14.54 1.04 39.31
CA ASN C 115 -15.24 -0.23 39.41
C ASN C 115 -15.06 -1.12 38.19
N SER C 116 -14.88 -0.53 37.00
CA SER C 116 -14.71 -1.25 35.74
C SER C 116 -14.00 -2.60 35.84
N GLY C 117 -13.04 -2.72 36.74
CA GLY C 117 -12.44 -4.02 36.96
C GLY C 117 -10.95 -4.05 36.70
N ILE C 118 -10.31 -2.88 36.70
CA ILE C 118 -8.86 -2.78 36.68
C ILE C 118 -8.39 -2.73 38.12
N SER C 119 -7.20 -3.28 38.38
CA SER C 119 -6.69 -3.34 39.74
C SER C 119 -6.55 -1.94 40.33
N ASP C 120 -6.83 -1.83 41.63
CA ASP C 120 -6.57 -0.57 42.32
C ASP C 120 -5.11 -0.17 42.18
N GLU C 121 -4.22 -1.16 42.12
CA GLU C 121 -2.79 -0.91 42.00
C GLU C 121 -2.47 -0.10 40.74
N TYR C 122 -3.31 -0.18 39.70
CA TYR C 122 -3.04 0.46 38.43
C TYR C 122 -3.78 1.78 38.24
N ILE C 123 -4.94 1.96 38.86
CA ILE C 123 -5.76 3.15 38.64
C ILE C 123 -5.25 4.33 39.46
N THR C 124 -4.93 4.09 40.72
CA THR C 124 -4.49 5.17 41.60
C THR C 124 -3.17 5.81 41.17
N PRO C 125 -2.26 5.14 40.44
CA PRO C 125 -1.15 5.90 39.86
C PRO C 125 -1.53 6.72 38.64
N MET C 126 -2.43 6.21 37.78
CA MET C 126 -2.81 6.96 36.58
C MET C 126 -3.47 8.29 36.94
N PHE C 127 -4.18 8.33 38.06
CA PHE C 127 -4.81 9.56 38.51
C PHE C 127 -3.82 10.45 39.22
N SER C 128 -2.85 9.86 39.91
CA SER C 128 -1.72 10.63 40.43
C SER C 128 -1.01 11.38 39.31
N PHE C 129 -0.83 10.73 38.15
CA PHE C 129 -0.26 11.45 37.01
C PHE C 129 -1.17 12.57 36.54
N TYR C 130 -2.48 12.32 36.44
CA TYR C 130 -3.42 13.33 35.94
C TYR C 130 -3.48 14.55 36.84
N LYS C 131 -3.28 14.37 38.16
CA LYS C 131 -3.35 15.50 39.08
C LYS C 131 -2.13 16.39 38.97
N SER C 132 -0.97 15.81 38.65
CA SER C 132 0.24 16.60 38.43
C SER C 132 0.29 17.17 37.03
N ILE C 133 -0.38 16.51 36.08
CA ILE C 133 -0.72 17.17 34.82
C ILE C 133 -1.65 18.33 35.08
N GLY C 134 -2.48 18.22 36.11
CA GLY C 134 -3.28 19.36 36.52
C GLY C 134 -2.46 20.49 37.10
N GLU C 135 -1.40 20.15 37.85
CA GLU C 135 -0.60 21.17 38.51
C GLU C 135 0.12 22.09 37.53
N LEU C 136 0.19 21.74 36.24
CA LEU C 136 0.76 22.64 35.24
C LEU C 136 -0.27 23.55 34.60
N LYS C 137 -1.56 23.28 34.81
CA LYS C 137 -2.65 24.20 34.43
C LYS C 137 -2.58 24.55 32.94
N MET C 138 -2.63 23.49 32.12
CA MET C 138 -2.42 23.60 30.69
C MET C 138 -3.68 24.08 29.97
N THR C 139 -3.54 25.16 29.19
CA THR C 139 -4.66 25.63 28.40
C THR C 139 -4.90 24.67 27.23
N GLN C 140 -6.04 24.85 26.54
CA GLN C 140 -6.44 23.86 25.54
C GLN C 140 -5.61 23.93 24.25
N GLU C 141 -5.00 25.06 23.94
CA GLU C 141 -4.03 25.05 22.85
C GLU C 141 -2.83 24.19 23.20
N GLU C 142 -2.38 24.25 24.45
CA GLU C 142 -1.26 23.42 24.87
C GLU C 142 -1.62 21.93 24.94
N TYR C 143 -2.90 21.62 25.14
CA TYR C 143 -3.30 20.21 25.14
C TYR C 143 -3.41 19.65 23.73
N ALA C 144 -3.71 20.51 22.75
CA ALA C 144 -3.90 20.15 21.36
C ALA C 144 -2.56 20.07 20.61
N LEU C 145 -1.71 21.09 20.78
CA LEU C 145 -0.38 21.05 20.20
C LEU C 145 0.45 19.90 20.78
N LEU C 146 0.34 19.65 22.10
CA LEU C 146 1.04 18.53 22.71
C LEU C 146 0.53 17.18 22.18
N THR C 147 -0.78 17.08 21.96
CA THR C 147 -1.32 15.91 21.26
C THR C 147 -0.72 15.82 19.86
N ALA C 148 -0.78 16.93 19.12
CA ALA C 148 -0.30 16.90 17.74
C ALA C 148 1.21 16.74 17.66
N ILE C 149 1.93 17.18 18.69
CA ILE C 149 3.38 16.98 18.73
C ILE C 149 3.70 15.51 19.04
N VAL C 150 2.87 14.87 19.87
CA VAL C 150 3.15 13.50 20.24
C VAL C 150 2.77 12.55 19.13
N ILE C 151 1.77 12.92 18.32
CA ILE C 151 1.41 12.10 17.16
C ILE C 151 2.55 12.12 16.16
N LEU C 152 3.05 13.30 15.83
CA LEU C 152 4.09 13.48 14.83
C LEU C 152 5.49 13.25 15.39
N SER C 153 5.59 12.48 16.48
CA SER C 153 6.89 12.16 17.10
C SER C 153 7.73 11.31 16.17
N PRO C 154 8.95 11.74 15.76
CA PRO C 154 9.76 10.91 14.85
C PRO C 154 10.55 9.82 15.55
N ASP C 155 10.90 10.00 16.83
CA ASP C 155 11.55 8.97 17.63
C ASP C 155 10.91 7.59 17.54
N ARG C 156 9.70 7.50 17.00
CA ARG C 156 8.96 6.25 17.09
C ARG C 156 9.67 5.14 16.31
N GLN C 157 9.15 3.93 16.42
CA GLN C 157 9.78 2.79 15.79
C GLN C 157 9.13 2.48 14.45
N TYR C 158 9.94 1.97 13.52
CA TYR C 158 9.51 1.55 12.18
C TYR C 158 9.15 2.75 11.31
N ILE C 159 9.91 3.82 11.43
CA ILE C 159 9.71 5.04 10.63
C ILE C 159 10.69 5.02 9.46
N LYS C 160 10.24 5.47 8.30
CA LYS C 160 11.14 5.56 7.15
C LYS C 160 11.83 6.92 7.15
N ASP C 161 11.17 7.95 6.62
CA ASP C 161 11.76 9.29 6.55
C ASP C 161 11.50 10.01 7.86
N ARG C 162 12.38 9.76 8.85
CA ARG C 162 12.35 10.53 10.09
C ARG C 162 12.50 12.02 9.79
N GLU C 163 13.43 12.37 8.90
CA GLU C 163 13.72 13.75 8.52
C GLU C 163 12.57 14.34 7.73
N ALA C 164 11.41 13.67 7.77
CA ALA C 164 10.14 14.14 7.23
C ALA C 164 9.05 14.27 8.28
N VAL C 165 9.06 13.40 9.30
CA VAL C 165 8.18 13.57 10.44
C VAL C 165 8.67 14.72 11.32
N GLU C 166 9.98 14.70 11.65
CA GLU C 166 10.61 15.80 12.37
C GLU C 166 10.40 17.16 11.70
N LYS C 167 10.26 17.20 10.38
CA LYS C 167 10.08 18.46 9.69
C LYS C 167 8.64 18.95 9.70
N LEU C 168 7.72 18.15 10.26
CA LEU C 168 6.31 18.49 10.44
C LEU C 168 5.93 18.68 11.89
N GLN C 169 6.55 17.91 12.79
CA GLN C 169 6.48 18.21 14.22
C GLN C 169 7.00 19.61 14.52
N GLU C 170 8.01 20.05 13.77
CA GLU C 170 8.74 21.28 13.98
C GLU C 170 7.83 22.51 14.13
N PRO C 171 7.04 22.90 13.11
CA PRO C 171 6.25 24.13 13.26
C PRO C 171 5.15 24.02 14.30
N LEU C 172 4.90 22.83 14.83
CA LEU C 172 4.06 22.72 16.01
C LEU C 172 4.84 23.07 17.26
N LEU C 173 6.05 22.53 17.38
CA LEU C 173 6.88 22.76 18.57
C LEU C 173 7.35 24.20 18.64
N ASP C 174 7.60 24.81 17.48
CA ASP C 174 7.85 26.25 17.41
C ASP C 174 6.75 27.02 18.12
N VAL C 175 5.49 26.66 17.81
CA VAL C 175 4.33 27.44 18.27
C VAL C 175 4.06 27.18 19.74
N LEU C 176 4.12 25.92 20.16
CA LEU C 176 3.85 25.59 21.56
C LEU C 176 4.85 26.26 22.48
N GLN C 177 6.10 26.39 22.04
CA GLN C 177 7.12 27.13 22.78
C GLN C 177 6.64 28.55 23.08
N LYS C 178 6.55 29.37 22.02
CA LYS C 178 6.18 30.77 22.21
C LYS C 178 4.87 30.88 22.98
N LEU C 179 4.01 29.88 22.88
CA LEU C 179 2.84 29.83 23.75
C LEU C 179 3.25 29.85 25.21
N CYS C 180 4.10 28.90 25.62
CA CYS C 180 4.61 28.92 26.98
C CYS C 180 5.36 30.21 27.31
N LYS C 181 5.79 30.95 26.29
CA LYS C 181 6.49 32.22 26.51
C LYS C 181 5.52 33.35 26.84
N ILE C 182 4.40 33.42 26.12
CA ILE C 182 3.34 34.35 26.47
C ILE C 182 2.52 33.82 27.65
N HIS C 183 1.96 32.61 27.49
CA HIS C 183 1.10 32.02 28.52
C HIS C 183 1.72 32.06 29.92
N GLN C 184 3.04 32.05 30.00
CA GLN C 184 3.73 31.94 31.29
C GLN C 184 5.10 32.59 31.19
N PRO C 185 5.23 33.86 31.57
CA PRO C 185 6.57 34.45 31.69
C PRO C 185 7.16 34.27 33.07
N GLU C 186 6.29 33.93 34.04
CA GLU C 186 6.72 33.74 35.42
C GLU C 186 7.81 32.68 35.53
N ASN C 187 7.75 31.66 34.69
CA ASN C 187 8.79 30.66 34.57
C ASN C 187 9.03 30.42 33.09
N PRO C 188 10.24 30.63 32.58
CA PRO C 188 10.53 30.31 31.18
C PRO C 188 10.96 28.87 30.95
N GLN C 189 11.24 28.12 32.03
CA GLN C 189 11.55 26.70 31.95
C GLN C 189 10.29 25.84 31.87
N HIS C 190 9.19 26.38 31.35
CA HIS C 190 7.92 25.67 31.30
C HIS C 190 7.81 24.84 30.03
N PHE C 191 8.16 25.42 28.88
CA PHE C 191 8.14 24.67 27.63
C PHE C 191 8.91 23.38 27.77
N ALA C 192 9.95 23.36 28.60
CA ALA C 192 10.79 22.19 28.82
C ALA C 192 10.40 21.37 30.04
N CYS C 193 9.45 21.84 30.86
CA CYS C 193 8.73 20.92 31.73
C CYS C 193 7.48 20.35 31.09
N LEU C 194 6.89 21.07 30.13
CA LEU C 194 5.88 20.48 29.26
C LEU C 194 6.46 19.26 28.52
N LEU C 195 7.55 19.47 27.78
CA LEU C 195 8.13 18.41 26.97
C LEU C 195 8.72 17.30 27.80
N GLY C 196 9.12 17.57 29.04
CA GLY C 196 9.62 16.50 29.89
C GLY C 196 8.61 15.44 30.23
N ARG C 197 7.33 15.72 29.97
CA ARG C 197 6.22 14.83 30.29
C ARG C 197 5.76 13.99 29.10
N LEU C 198 6.08 14.44 27.89
CA LEU C 198 6.02 13.57 26.73
C LEU C 198 6.87 12.32 26.96
N THR C 199 7.98 12.45 27.68
CA THR C 199 8.84 11.31 27.95
C THR C 199 8.24 10.37 28.99
N GLU C 200 7.37 10.85 29.88
CA GLU C 200 6.77 9.94 30.85
C GLU C 200 5.60 9.18 30.25
N LEU C 201 4.74 9.88 29.50
CA LEU C 201 3.71 9.25 28.68
C LEU C 201 4.23 7.95 28.09
N ARG C 202 5.44 8.02 27.52
CA ARG C 202 6.10 6.86 26.95
C ARG C 202 6.38 5.77 27.99
N THR C 203 6.63 6.14 29.25
CA THR C 203 6.83 5.09 30.25
C THR C 203 5.53 4.34 30.50
N PHE C 204 4.41 5.06 30.49
CA PHE C 204 3.12 4.43 30.75
C PHE C 204 2.79 3.41 29.67
N ASN C 205 3.34 3.60 28.48
CA ASN C 205 2.99 2.74 27.35
C ASN C 205 3.28 1.27 27.65
N HIS C 206 4.44 0.97 28.20
CA HIS C 206 4.77 -0.42 28.44
C HIS C 206 4.02 -1.01 29.63
N HIS C 207 3.30 -0.19 30.41
CA HIS C 207 2.40 -0.72 31.42
C HIS C 207 1.04 -1.06 30.82
N HIS C 208 0.58 -0.21 29.87
CA HIS C 208 -0.72 -0.39 29.24
C HIS C 208 -0.89 -1.81 28.70
N ALA C 209 0.13 -2.31 28.00
CA ALA C 209 0.05 -3.65 27.45
C ALA C 209 0.09 -4.72 28.53
N GLU C 210 0.48 -4.35 29.76
CA GLU C 210 0.48 -5.29 30.88
C GLU C 210 -0.91 -5.46 31.46
N MET C 211 -1.61 -4.35 31.68
CA MET C 211 -2.97 -4.43 32.20
C MET C 211 -3.93 -5.02 31.19
N LEU C 212 -3.78 -4.66 29.91
CA LEU C 212 -4.62 -5.25 28.88
C LEU C 212 -4.43 -6.76 28.77
N MET C 213 -3.26 -7.26 29.16
CA MET C 213 -3.08 -8.71 29.24
C MET C 213 -3.73 -9.31 30.49
N SER C 214 -4.14 -8.48 31.44
CA SER C 214 -4.75 -8.99 32.67
C SER C 214 -5.95 -8.18 33.12
N TRP C 215 -6.44 -7.23 32.31
CA TRP C 215 -7.69 -6.54 32.61
C TRP C 215 -8.83 -7.54 32.50
N ARG C 216 -9.67 -7.38 31.46
CA ARG C 216 -10.75 -8.31 31.18
C ARG C 216 -11.80 -8.39 32.29
N VAL C 217 -13.06 -8.52 31.90
CA VAL C 217 -14.17 -8.82 32.80
C VAL C 217 -15.14 -9.75 32.07
N ASN C 218 -16.20 -10.17 32.76
CA ASN C 218 -17.30 -10.81 32.06
C ASN C 218 -17.84 -9.85 30.99
N ASP C 219 -17.92 -10.34 29.75
CA ASP C 219 -17.97 -9.60 28.50
C ASP C 219 -16.53 -9.41 28.00
N HIS C 220 -15.73 -10.44 28.23
CA HIS C 220 -14.33 -10.50 27.82
C HIS C 220 -14.16 -10.35 26.31
N LYS C 221 -14.32 -9.14 25.78
CA LYS C 221 -14.22 -8.95 24.34
C LYS C 221 -13.99 -7.47 24.03
N PHE C 222 -12.75 -7.10 23.76
CA PHE C 222 -12.43 -5.78 23.25
C PHE C 222 -12.93 -5.61 21.81
N THR C 223 -13.29 -4.37 21.47
CA THR C 223 -13.60 -4.06 20.08
C THR C 223 -12.41 -4.42 19.19
N PRO C 224 -12.65 -4.70 17.90
CA PRO C 224 -11.52 -4.97 17.00
C PRO C 224 -10.47 -3.87 16.98
N LEU C 225 -10.87 -2.67 16.53
CA LEU C 225 -9.97 -1.51 16.44
C LEU C 225 -9.17 -1.29 17.71
N LEU C 226 -9.70 -1.72 18.85
CA LEU C 226 -8.95 -1.56 20.08
C LEU C 226 -7.93 -2.67 20.24
N CYS C 227 -8.17 -3.85 19.65
CA CYS C 227 -7.13 -4.87 19.56
C CYS C 227 -6.05 -4.47 18.57
N GLU C 228 -6.46 -4.15 17.34
CA GLU C 228 -5.61 -3.48 16.35
C GLU C 228 -4.76 -2.38 16.96
N ILE C 229 -5.36 -1.46 17.70
CA ILE C 229 -4.58 -0.31 18.12
C ILE C 229 -3.77 -0.62 19.38
N TRP C 230 -4.27 -1.43 20.31
CA TRP C 230 -3.54 -1.67 21.55
C TRP C 230 -2.83 -3.02 21.58
N ASP C 231 -2.74 -3.71 20.43
CA ASP C 231 -2.09 -5.03 20.29
C ASP C 231 -2.69 -6.05 21.25
N VAL C 232 -3.91 -6.47 20.90
CA VAL C 232 -4.66 -7.58 21.51
C VAL C 232 -4.30 -7.89 22.97
N GLU D 5 19.38 6.24 49.90
CA GLU D 5 19.72 7.49 49.22
C GLU D 5 20.79 7.25 48.14
N LEU D 6 21.37 6.05 48.13
CA LEU D 6 22.35 5.63 47.13
C LEU D 6 22.88 4.25 47.46
N THR D 7 22.40 3.23 46.73
CA THR D 7 22.80 1.83 46.83
C THR D 7 24.33 1.76 46.80
N PRO D 8 24.97 0.77 47.41
CA PRO D 8 26.41 0.58 47.15
C PRO D 8 26.71 0.14 45.72
N ASP D 9 25.74 -0.44 45.01
CA ASP D 9 25.86 -0.67 43.58
C ASP D 9 25.46 0.54 42.75
N GLN D 10 24.75 1.52 43.34
CA GLN D 10 24.50 2.79 42.68
C GLN D 10 25.69 3.72 42.81
N GLN D 11 26.37 3.69 43.96
CA GLN D 11 27.57 4.48 44.12
C GLN D 11 28.76 3.85 43.40
N THR D 12 28.72 2.53 43.18
CA THR D 12 29.71 1.90 42.31
C THR D 12 29.55 2.36 40.87
N LEU D 13 28.35 2.80 40.48
CA LEU D 13 28.11 3.27 39.12
C LEU D 13 28.61 4.70 38.93
N LEU D 14 28.14 5.62 39.79
CA LEU D 14 28.36 7.06 39.56
C LEU D 14 29.83 7.44 39.56
N HIS D 15 30.66 6.72 40.33
CA HIS D 15 32.08 7.04 40.38
C HIS D 15 32.84 6.48 39.19
N PHE D 16 32.31 5.42 38.56
CA PHE D 16 32.89 4.88 37.33
C PHE D 16 32.59 5.77 36.13
N ILE D 17 31.43 6.43 36.15
CA ILE D 17 31.09 7.46 35.16
C ILE D 17 32.02 8.66 35.32
N MET D 18 32.25 9.08 36.57
CA MET D 18 33.08 10.26 36.80
C MET D 18 34.55 9.99 36.47
N ASP D 19 35.05 8.81 36.81
CA ASP D 19 36.45 8.49 36.51
C ASP D 19 36.73 8.61 35.02
N SER D 20 35.71 8.45 34.17
CA SER D 20 35.88 8.55 32.73
C SER D 20 35.49 9.92 32.18
N TYR D 21 34.66 10.68 32.89
CA TYR D 21 34.26 11.99 32.37
C TYR D 21 35.45 12.94 32.32
N ASN D 22 36.14 13.10 33.44
CA ASN D 22 37.22 14.06 33.57
C ASN D 22 38.57 13.50 33.14
N LYS D 23 38.66 12.20 32.83
CA LYS D 23 39.94 11.58 32.53
C LYS D 23 40.59 12.18 31.29
N GLN D 24 39.80 12.66 30.34
CA GLN D 24 40.33 13.29 29.15
C GLN D 24 39.75 14.70 29.00
N ARG D 25 40.51 15.54 28.30
CA ARG D 25 40.11 16.89 27.97
C ARG D 25 40.78 17.27 26.67
N MET D 26 40.44 18.45 26.15
CA MET D 26 41.28 19.21 25.24
C MET D 26 42.77 19.01 25.45
N PRO D 27 43.47 18.37 24.51
CA PRO D 27 44.93 18.41 24.54
C PRO D 27 45.42 19.85 24.60
N GLN D 28 46.55 20.04 25.30
CA GLN D 28 47.03 21.41 25.54
C GLN D 28 47.33 22.15 24.25
N GLU D 29 47.78 21.42 23.21
CA GLU D 29 47.96 21.99 21.88
C GLU D 29 46.71 22.74 21.41
N ILE D 30 45.53 22.16 21.64
CA ILE D 30 44.28 22.71 21.12
C ILE D 30 43.90 23.98 21.88
N THR D 31 43.74 23.86 23.20
CA THR D 31 43.45 24.97 24.10
C THR D 31 44.31 26.19 23.75
N ASN D 32 45.59 25.96 23.47
CA ASN D 32 46.56 27.05 23.41
C ASN D 32 46.20 28.07 22.34
N LYS D 33 45.78 27.59 21.16
CA LYS D 33 45.49 28.52 20.09
C LYS D 33 44.34 29.46 20.44
N ILE D 34 43.48 29.06 21.37
CA ILE D 34 42.38 29.91 21.81
C ILE D 34 42.90 31.27 22.28
N LEU D 35 44.10 31.27 22.87
CA LEU D 35 44.76 32.51 23.34
C LEU D 35 45.60 33.14 22.23
N LYS D 36 46.71 32.49 21.89
CA LYS D 36 47.73 33.13 21.09
C LYS D 36 47.31 33.26 19.63
N GLU D 37 46.80 32.18 19.03
CA GLU D 37 46.50 32.20 17.61
C GLU D 37 45.58 33.36 17.27
N ALA D 38 45.77 33.93 16.07
CA ALA D 38 45.09 35.12 15.59
C ALA D 38 43.57 35.06 15.77
N PHE D 39 42.92 36.22 15.67
CA PHE D 39 41.47 36.33 15.71
C PHE D 39 41.09 36.87 14.34
N SER D 40 40.80 35.96 13.41
CA SER D 40 40.61 36.33 12.01
C SER D 40 39.49 35.53 11.36
N ALA D 41 38.50 35.06 12.15
CA ALA D 41 37.35 34.33 11.65
C ALA D 41 37.73 33.11 10.82
N GLU D 42 38.41 33.35 9.70
CA GLU D 42 39.14 32.30 9.00
C GLU D 42 39.89 31.39 9.97
N GLU D 43 40.85 31.95 10.70
CA GLU D 43 41.55 31.15 11.70
C GLU D 43 40.61 30.66 12.79
N ASN D 44 39.55 31.42 13.08
CA ASN D 44 38.57 30.95 14.05
C ASN D 44 37.90 29.66 13.58
N PHE D 45 37.46 29.62 12.32
CA PHE D 45 36.76 28.45 11.80
C PHE D 45 37.58 27.17 11.99
N LEU D 46 38.90 27.27 11.81
CA LEU D 46 39.78 26.13 11.93
C LEU D 46 39.89 25.68 13.40
N ILE D 47 40.06 26.65 14.31
CA ILE D 47 40.17 26.34 15.73
C ILE D 47 38.93 25.61 16.19
N LEU D 48 37.77 26.03 15.66
CA LEU D 48 36.48 25.49 16.10
C LEU D 48 36.30 24.06 15.61
N THR D 49 36.57 23.83 14.33
CA THR D 49 36.52 22.49 13.78
C THR D 49 37.61 21.61 14.37
N GLU D 50 38.76 22.18 14.70
CA GLU D 50 39.77 21.44 15.43
C GLU D 50 39.24 20.91 16.76
N MET D 51 38.42 21.71 17.47
CA MET D 51 37.88 21.25 18.75
C MET D 51 36.72 20.30 18.58
N ALA D 52 35.81 20.60 17.65
CA ALA D 52 34.71 19.68 17.39
C ALA D 52 35.20 18.28 17.05
N THR D 53 36.43 18.16 16.54
CA THR D 53 36.98 16.88 16.12
C THR D 53 37.45 16.06 17.31
N ASN D 54 38.23 16.70 18.18
CA ASN D 54 38.78 15.99 19.31
C ASN D 54 37.65 15.63 20.27
N HIS D 55 36.60 16.44 20.25
CA HIS D 55 35.42 16.17 21.06
C HIS D 55 34.75 14.88 20.61
N VAL D 56 34.61 14.67 19.30
CA VAL D 56 34.03 13.42 18.83
C VAL D 56 34.87 12.24 19.28
N GLN D 57 36.21 12.39 19.21
CA GLN D 57 37.10 11.34 19.67
C GLN D 57 36.94 11.12 21.17
N VAL D 58 36.96 12.21 21.94
CA VAL D 58 36.84 12.10 23.39
C VAL D 58 35.48 11.55 23.76
N LEU D 59 34.43 12.02 23.08
CA LEU D 59 33.09 11.45 23.26
C LEU D 59 33.07 9.95 23.03
N VAL D 60 33.89 9.45 22.10
CA VAL D 60 33.88 8.02 21.80
C VAL D 60 34.55 7.25 22.94
N GLU D 61 35.77 7.64 23.31
CA GLU D 61 36.48 6.92 24.35
C GLU D 61 35.69 6.92 25.66
N PHE D 62 34.86 7.95 25.88
CA PHE D 62 33.92 7.92 27.00
C PHE D 62 32.89 6.81 26.81
N THR D 63 32.12 6.90 25.74
CA THR D 63 31.05 5.94 25.46
C THR D 63 31.54 4.49 25.54
N LYS D 64 32.78 4.23 25.15
CA LYS D 64 33.31 2.88 25.21
C LYS D 64 33.44 2.37 26.64
N LYS D 65 33.70 3.27 27.60
CA LYS D 65 33.87 2.92 29.01
C LYS D 65 32.56 2.89 29.80
N LEU D 66 31.44 3.34 29.21
CA LEU D 66 30.15 3.31 29.89
C LEU D 66 29.77 1.89 30.26
N PRO D 67 28.93 1.71 31.29
CA PRO D 67 28.61 0.36 31.78
C PRO D 67 28.13 -0.57 30.68
N GLY D 68 28.86 -1.67 30.48
CA GLY D 68 28.48 -2.69 29.51
C GLY D 68 28.05 -2.15 28.16
N PHE D 69 28.55 -0.96 27.79
CA PHE D 69 28.27 -0.44 26.46
C PHE D 69 28.79 -1.40 25.39
N GLN D 70 30.07 -1.78 25.47
CA GLN D 70 30.68 -2.71 24.54
C GLN D 70 30.15 -4.14 24.73
N THR D 71 28.84 -4.26 24.97
CA THR D 71 28.13 -5.53 25.00
C THR D 71 26.94 -5.56 24.05
N LEU D 72 26.44 -4.39 23.63
CA LEU D 72 25.34 -4.32 22.68
C LEU D 72 25.77 -4.84 21.32
N ASP D 73 24.80 -4.99 20.42
CA ASP D 73 25.13 -5.29 19.04
C ASP D 73 25.93 -4.13 18.45
N HIS D 74 27.00 -4.46 17.73
CA HIS D 74 27.89 -3.44 17.20
C HIS D 74 27.13 -2.48 16.30
N GLU D 75 26.33 -3.02 15.37
CA GLU D 75 25.53 -2.19 14.47
C GLU D 75 24.79 -1.09 15.22
N ASP D 76 24.44 -1.34 16.49
CA ASP D 76 23.79 -0.32 17.30
C ASP D 76 24.79 0.65 17.89
N GLN D 77 25.88 0.12 18.47
CA GLN D 77 26.90 0.96 19.10
C GLN D 77 27.32 2.10 18.19
N ILE D 78 27.38 1.85 16.89
CA ILE D 78 27.71 2.89 15.94
C ILE D 78 26.63 3.97 15.96
N ALA D 79 25.35 3.54 15.99
CA ALA D 79 24.28 4.47 15.73
C ALA D 79 23.90 5.29 16.95
N LEU D 80 24.24 4.82 18.15
CA LEU D 80 24.12 5.69 19.32
C LEU D 80 25.04 6.89 19.18
N LEU D 81 26.35 6.62 19.18
CA LEU D 81 27.38 7.63 18.94
C LEU D 81 26.98 8.63 17.88
N LYS D 82 26.71 8.13 16.66
CA LYS D 82 26.34 9.01 15.56
C LYS D 82 25.12 9.86 15.92
N GLY D 83 24.04 9.21 16.33
CA GLY D 83 22.80 9.91 16.63
C GLY D 83 22.90 10.82 17.83
N SER D 84 23.90 10.60 18.68
CA SER D 84 24.05 11.39 19.89
C SER D 84 25.21 12.37 19.85
N ALA D 85 26.09 12.30 18.84
CA ALA D 85 27.34 13.07 18.86
C ALA D 85 27.10 14.58 18.87
N VAL D 86 26.30 15.11 17.92
CA VAL D 86 26.01 16.55 17.89
C VAL D 86 25.28 16.99 19.17
N GLU D 87 24.28 16.21 19.59
CA GLU D 87 23.56 16.55 20.83
C GLU D 87 24.53 16.66 22.01
N ALA D 88 25.22 15.55 22.32
CA ALA D 88 26.15 15.57 23.44
C ALA D 88 27.07 16.78 23.34
N MET D 89 27.45 17.15 22.11
CA MET D 89 28.23 18.37 21.89
C MET D 89 27.51 19.60 22.43
N PHE D 90 26.18 19.68 22.25
CA PHE D 90 25.38 20.80 22.77
C PHE D 90 25.36 20.82 24.29
N LEU D 91 25.23 19.63 24.88
CA LEU D 91 25.27 19.49 26.33
C LEU D 91 26.57 20.06 26.87
N ARG D 92 27.71 19.51 26.44
CA ARG D 92 29.02 20.02 26.85
C ARG D 92 29.15 21.51 26.56
N SER D 93 28.66 21.99 25.41
CA SER D 93 28.68 23.42 25.14
C SER D 93 28.09 24.21 26.28
N ALA D 94 27.01 23.69 26.89
CA ALA D 94 26.42 24.37 28.04
C ALA D 94 27.33 24.30 29.26
N GLU D 95 27.90 23.11 29.55
CA GLU D 95 28.82 23.00 30.68
C GLU D 95 29.86 24.10 30.64
N ILE D 96 30.50 24.29 29.48
CA ILE D 96 31.61 25.23 29.36
C ILE D 96 31.18 26.65 29.68
N PHE D 97 29.96 27.03 29.32
CA PHE D 97 29.61 28.44 29.41
C PHE D 97 28.93 28.81 30.71
N ASN D 98 28.59 27.83 31.55
CA ASN D 98 28.16 28.03 32.94
C ASN D 98 29.12 27.20 33.81
N LYS D 99 30.25 27.76 34.21
CA LYS D 99 31.11 27.08 35.19
C LYS D 99 31.58 28.09 36.22
N LYS D 100 32.55 27.66 37.03
CA LYS D 100 32.98 28.43 38.21
C LYS D 100 33.52 29.79 37.81
N LEU D 101 34.63 29.80 37.06
CA LEU D 101 35.24 31.03 36.56
C LEU D 101 36.38 30.71 35.60
N PRO D 102 36.09 30.37 34.34
CA PRO D 102 37.19 30.18 33.37
C PRO D 102 38.07 31.40 33.19
N SER D 103 37.49 32.60 33.30
CA SER D 103 38.20 33.89 33.42
C SER D 103 39.43 33.98 32.51
N GLY D 104 39.19 33.94 31.21
CA GLY D 104 40.26 34.06 30.25
C GLY D 104 40.44 32.83 29.39
N HIS D 105 39.40 32.01 29.30
CA HIS D 105 39.42 30.83 28.45
C HIS D 105 38.08 30.73 27.72
N SER D 106 37.00 30.55 28.47
CA SER D 106 35.66 30.72 27.93
C SER D 106 35.52 32.17 27.50
N ASP D 107 34.38 32.54 26.91
CA ASP D 107 34.13 33.94 26.53
C ASP D 107 35.06 34.40 25.42
N LEU D 108 36.33 33.98 25.50
CA LEU D 108 37.26 34.13 24.39
C LEU D 108 37.07 33.02 23.37
N LEU D 109 36.89 31.79 23.85
CA LEU D 109 36.32 30.72 23.02
C LEU D 109 35.00 31.16 22.38
N GLU D 110 34.14 31.83 23.15
CA GLU D 110 32.86 32.31 22.63
C GLU D 110 33.06 33.48 21.69
N ALA D 111 34.05 34.33 21.98
CA ALA D 111 34.48 35.37 21.05
C ALA D 111 34.67 34.80 19.66
N ARG D 112 35.35 33.65 19.58
CA ARG D 112 35.72 33.07 18.29
C ARG D 112 34.50 32.57 17.52
N ILE D 113 33.47 32.10 18.21
CA ILE D 113 32.24 31.67 17.54
C ILE D 113 31.61 32.83 16.76
N ARG D 114 31.40 33.96 17.43
CA ARG D 114 30.55 35.00 16.87
C ARG D 114 31.18 35.65 15.65
N ASN D 115 32.49 35.46 15.45
CA ASN D 115 33.20 35.85 14.23
C ASN D 115 33.93 34.61 13.72
N SER D 116 33.22 33.74 13.02
CA SER D 116 33.79 32.49 12.53
C SER D 116 33.02 31.97 11.33
N GLY D 117 32.10 32.79 10.81
CA GLY D 117 31.19 32.36 9.77
C GLY D 117 29.79 32.09 10.28
N ILE D 118 29.67 31.37 11.40
CA ILE D 118 28.35 31.00 11.92
C ILE D 118 27.53 32.25 12.13
N SER D 119 26.44 32.38 11.36
CA SER D 119 25.72 33.65 11.24
C SER D 119 24.90 33.93 12.49
N ASP D 120 24.81 35.23 12.84
CA ASP D 120 24.23 35.69 14.11
C ASP D 120 22.87 35.07 14.39
N GLU D 121 22.19 34.57 13.35
CA GLU D 121 20.86 34.01 13.51
C GLU D 121 20.89 32.67 14.23
N TYR D 122 21.93 31.86 13.98
CA TYR D 122 22.05 30.56 14.62
C TYR D 122 22.75 30.62 15.98
N ILE D 123 23.60 31.62 16.22
CA ILE D 123 24.35 31.68 17.48
C ILE D 123 23.44 32.10 18.61
N THR D 124 22.79 33.25 18.46
CA THR D 124 22.01 33.82 19.57
C THR D 124 21.02 32.83 20.17
N PRO D 125 20.20 32.10 19.40
CA PRO D 125 19.37 31.05 19.99
C PRO D 125 20.14 29.96 20.73
N MET D 126 21.39 29.67 20.35
CA MET D 126 22.14 28.59 20.99
C MET D 126 22.56 28.96 22.40
N PHE D 127 23.23 30.10 22.54
CA PHE D 127 23.72 30.50 23.85
C PHE D 127 22.55 30.77 24.81
N SER D 128 21.39 31.17 24.26
CA SER D 128 20.19 31.32 25.07
C SER D 128 19.66 29.98 25.56
N PHE D 129 19.83 28.94 24.75
CA PHE D 129 19.54 27.59 25.20
C PHE D 129 20.51 27.14 26.31
N TYR D 130 21.76 27.63 26.28
CA TYR D 130 22.69 27.32 27.35
C TYR D 130 22.33 28.08 28.62
N LYS D 131 22.01 29.39 28.53
CA LYS D 131 21.59 30.15 29.70
C LYS D 131 20.51 29.40 30.45
N SER D 132 19.50 28.95 29.74
CA SER D 132 18.39 28.25 30.35
C SER D 132 18.84 26.96 31.04
N ILE D 133 19.78 26.23 30.42
CA ILE D 133 20.32 25.03 31.05
C ILE D 133 21.27 25.37 32.21
N GLY D 134 21.73 26.61 32.29
CA GLY D 134 22.35 27.07 33.51
C GLY D 134 21.34 27.31 34.62
N GLU D 135 20.12 27.75 34.26
CA GLU D 135 19.09 28.00 35.25
C GLU D 135 18.83 26.77 36.10
N LEU D 136 18.97 25.58 35.52
CA LEU D 136 18.83 24.35 36.30
C LEU D 136 20.00 24.16 37.26
N LYS D 137 21.12 24.85 37.01
CA LYS D 137 22.27 24.88 37.91
C LYS D 137 22.87 23.48 38.09
N MET D 138 23.12 22.80 36.96
CA MET D 138 23.42 21.38 37.01
C MET D 138 24.78 21.11 37.62
N THR D 139 24.85 20.06 38.43
CA THR D 139 26.13 19.55 38.90
C THR D 139 26.89 18.92 37.74
N GLN D 140 28.22 19.06 37.78
CA GLN D 140 29.07 18.25 36.91
C GLN D 140 28.75 16.78 37.05
N GLU D 141 28.17 16.38 38.18
CA GLU D 141 27.59 15.05 38.27
C GLU D 141 26.36 14.94 37.37
N GLU D 142 25.46 15.92 37.45
CA GLU D 142 24.25 15.86 36.62
C GLU D 142 24.61 15.83 35.14
N TYR D 143 25.52 16.72 34.71
CA TYR D 143 25.91 16.83 33.30
C TYR D 143 26.37 15.49 32.75
N ALA D 144 27.43 14.93 33.33
CA ALA D 144 27.89 13.61 32.91
C ALA D 144 26.75 12.62 32.92
N LEU D 145 25.94 12.64 33.97
CA LEU D 145 24.79 11.74 34.06
C LEU D 145 23.86 11.93 32.88
N LEU D 146 23.57 13.18 32.52
CA LEU D 146 22.75 13.47 31.34
C LEU D 146 23.40 12.91 30.07
N THR D 147 24.69 13.19 29.87
CA THR D 147 25.43 12.74 28.69
C THR D 147 25.21 11.27 28.39
N ALA D 148 25.43 10.41 29.38
CA ALA D 148 25.29 8.98 29.14
C ALA D 148 23.86 8.61 28.79
N ILE D 149 22.89 9.38 29.29
CA ILE D 149 21.48 9.12 28.99
C ILE D 149 21.17 9.46 27.54
N VAL D 150 21.69 10.58 27.04
CA VAL D 150 21.49 10.92 25.63
C VAL D 150 22.26 9.96 24.73
N ILE D 151 23.42 9.47 25.17
CA ILE D 151 24.13 8.51 24.34
C ILE D 151 23.34 7.21 24.25
N LEU D 152 22.85 6.71 25.38
CA LEU D 152 22.07 5.47 25.39
C LEU D 152 20.56 5.71 25.24
N SER D 153 20.16 6.69 24.44
CA SER D 153 18.77 6.83 24.01
C SER D 153 18.34 5.61 23.20
N PRO D 154 17.20 4.98 23.51
CA PRO D 154 16.70 3.89 22.65
C PRO D 154 15.91 4.34 21.44
N ASP D 155 15.50 5.60 21.35
CA ASP D 155 14.82 6.04 20.14
C ASP D 155 15.78 6.39 19.01
N ARG D 156 17.09 6.13 19.14
CA ARG D 156 18.03 6.44 18.06
C ARG D 156 17.69 5.65 16.81
N GLN D 157 17.54 6.36 15.69
CA GLN D 157 17.22 5.72 14.41
C GLN D 157 18.04 4.45 14.24
N TYR D 158 17.50 3.46 13.54
CA TYR D 158 18.26 2.27 13.14
C TYR D 158 18.71 1.42 14.32
N ILE D 159 18.14 1.58 15.52
CA ILE D 159 18.67 0.77 16.61
C ILE D 159 18.20 -0.66 16.36
N LYS D 160 16.93 -0.94 16.61
CA LYS D 160 16.42 -2.32 16.57
C LYS D 160 17.28 -3.21 17.47
N ASP D 161 16.71 -3.54 18.64
CA ASP D 161 17.35 -4.05 19.86
C ASP D 161 17.41 -2.92 20.88
N ARG D 162 16.47 -1.98 20.76
CA ARG D 162 16.33 -0.92 21.75
C ARG D 162 16.17 -1.48 23.15
N GLU D 163 15.73 -2.74 23.27
CA GLU D 163 15.41 -3.33 24.57
C GLU D 163 16.64 -3.48 25.46
N ALA D 164 17.80 -3.78 24.88
CA ALA D 164 19.03 -3.82 25.68
C ALA D 164 19.62 -2.44 25.88
N VAL D 165 19.30 -1.49 25.00
CA VAL D 165 19.67 -0.10 25.23
C VAL D 165 18.91 0.44 26.45
N GLU D 166 17.59 0.23 26.46
CA GLU D 166 16.75 0.73 27.56
C GLU D 166 16.99 -0.01 28.85
N LYS D 167 17.46 -1.26 28.81
CA LYS D 167 17.79 -1.93 30.06
C LYS D 167 19.01 -1.31 30.70
N LEU D 168 19.80 -0.57 29.92
CA LEU D 168 20.78 0.41 30.40
C LEU D 168 20.03 1.73 30.56
N GLN D 169 20.70 2.88 30.43
CA GLN D 169 20.03 4.19 30.48
C GLN D 169 19.14 4.37 31.70
N GLU D 170 18.11 3.52 31.85
CA GLU D 170 17.23 3.46 33.01
C GLU D 170 18.01 3.60 34.31
N PRO D 171 18.97 2.70 34.63
CA PRO D 171 19.66 2.82 35.92
C PRO D 171 20.42 4.11 36.10
N LEU D 172 20.79 4.79 35.01
CA LEU D 172 21.39 6.11 35.09
C LEU D 172 20.37 7.23 34.92
N LEU D 173 19.12 6.93 34.61
CA LEU D 173 18.07 7.92 34.85
C LEU D 173 17.62 7.94 36.28
N ASP D 174 17.75 6.80 36.97
CA ASP D 174 17.35 6.71 38.37
C ASP D 174 18.35 7.42 39.26
N VAL D 175 19.65 7.29 38.96
CA VAL D 175 20.65 7.96 39.77
C VAL D 175 20.54 9.48 39.60
N LEU D 176 20.19 9.93 38.40
CA LEU D 176 19.91 11.33 38.18
C LEU D 176 18.54 11.74 38.72
N GLN D 177 17.60 10.81 38.85
CA GLN D 177 16.36 11.13 39.54
C GLN D 177 16.60 11.25 41.04
N LYS D 178 17.34 10.29 41.61
CA LYS D 178 17.70 10.34 43.02
C LYS D 178 18.61 11.52 43.36
N LEU D 179 19.44 11.96 42.42
CA LEU D 179 20.33 13.08 42.67
C LEU D 179 19.67 14.44 42.46
N CYS D 180 18.47 14.48 41.89
CA CYS D 180 17.67 15.69 41.89
C CYS D 180 16.63 15.66 43.00
N LYS D 181 16.54 14.56 43.74
CA LYS D 181 15.89 14.53 45.04
C LYS D 181 16.86 14.87 46.16
N ILE D 182 18.14 14.62 45.96
CA ILE D 182 19.19 15.08 46.87
C ILE D 182 19.42 16.57 46.61
N HIS D 183 20.06 16.89 45.50
CA HIS D 183 20.38 18.28 45.19
C HIS D 183 19.14 19.15 45.00
N GLN D 184 17.94 18.58 45.09
CA GLN D 184 16.77 19.40 44.82
C GLN D 184 15.46 18.79 45.31
N PRO D 185 15.25 18.67 46.63
CA PRO D 185 13.89 18.41 47.11
C PRO D 185 13.00 19.64 47.03
N GLU D 186 13.58 20.83 46.90
CA GLU D 186 12.81 22.06 46.80
C GLU D 186 12.02 22.14 45.50
N ASN D 187 12.43 21.40 44.47
CA ASN D 187 11.68 21.29 43.22
C ASN D 187 11.50 19.80 42.93
N PRO D 188 10.55 19.15 43.61
CA PRO D 188 10.42 17.69 43.44
C PRO D 188 9.88 17.26 42.08
N GLN D 189 9.59 18.20 41.18
CA GLN D 189 9.24 17.89 39.79
C GLN D 189 10.30 18.37 38.82
N HIS D 190 11.51 18.61 39.31
CA HIS D 190 12.55 19.21 38.48
C HIS D 190 13.28 18.17 37.64
N PHE D 191 13.46 16.96 38.19
CA PHE D 191 14.02 15.88 37.39
C PHE D 191 13.22 15.63 36.12
N ALA D 192 11.98 16.15 36.06
CA ALA D 192 11.22 16.16 34.82
C ALA D 192 11.70 17.25 33.88
N CYS D 193 11.74 18.51 34.35
CA CYS D 193 12.30 19.56 33.51
C CYS D 193 13.63 19.17 32.87
N LEU D 194 14.40 18.31 33.52
CA LEU D 194 15.65 17.85 32.93
C LEU D 194 15.40 17.10 31.63
N LEU D 195 14.62 16.02 31.70
CA LEU D 195 14.34 15.20 30.52
C LEU D 195 13.69 16.00 29.39
N GLY D 196 13.11 17.16 29.69
CA GLY D 196 12.55 17.99 28.65
C GLY D 196 13.62 18.61 27.77
N ARG D 197 14.60 19.26 28.38
CA ARG D 197 15.73 19.82 27.64
C ARG D 197 16.38 18.77 26.73
N LEU D 198 16.54 17.55 27.25
CA LEU D 198 17.03 16.42 26.48
C LEU D 198 16.20 16.21 25.21
N THR D 199 14.89 16.50 25.26
CA THR D 199 14.07 16.58 24.06
C THR D 199 14.20 17.91 23.30
N GLU D 200 14.42 19.02 24.02
CA GLU D 200 14.79 20.27 23.36
C GLU D 200 15.99 20.07 22.46
N LEU D 201 16.89 19.15 22.86
CA LEU D 201 18.17 18.93 22.18
C LEU D 201 17.98 18.43 20.76
N ARG D 202 17.13 17.41 20.60
CA ARG D 202 16.87 16.82 19.28
C ARG D 202 16.30 17.83 18.29
N THR D 203 15.67 18.91 18.74
CA THR D 203 15.25 19.90 17.77
C THR D 203 16.46 20.65 17.21
N PHE D 204 17.44 20.95 18.07
CA PHE D 204 18.70 21.53 17.62
C PHE D 204 19.48 20.59 16.71
N ASN D 205 19.36 19.28 16.92
CA ASN D 205 20.12 18.30 16.13
C ASN D 205 19.82 18.42 14.64
N HIS D 206 18.63 18.92 14.28
N HIS D 206 18.66 18.95 14.25
CA HIS D 206 18.30 19.21 12.89
CA HIS D 206 18.41 19.21 12.84
C HIS D 206 18.56 20.66 12.51
C HIS D 206 18.38 20.69 12.51
N HIS D 207 18.61 21.56 13.50
CA HIS D 207 19.05 22.92 13.22
C HIS D 207 20.55 22.94 12.97
N HIS D 208 21.28 22.17 13.78
CA HIS D 208 22.72 21.98 13.62
C HIS D 208 23.05 21.54 12.22
N ALA D 209 22.12 20.83 11.57
CA ALA D 209 22.35 20.27 10.25
C ALA D 209 22.18 21.32 9.16
N GLU D 210 21.06 22.06 9.18
CA GLU D 210 20.80 23.09 8.19
C GLU D 210 21.79 24.24 8.27
N MET D 211 22.62 24.26 9.32
CA MET D 211 23.62 25.30 9.49
C MET D 211 24.97 24.94 8.86
N LEU D 212 25.37 23.65 8.88
CA LEU D 212 26.59 23.29 8.15
C LEU D 212 26.44 23.53 6.66
N MET D 213 25.24 23.29 6.11
CA MET D 213 25.03 23.51 4.68
C MET D 213 25.45 24.92 4.27
N SER D 214 25.43 25.86 5.21
CA SER D 214 25.80 27.25 4.94
C SER D 214 26.99 27.73 5.75
N TRP D 215 27.54 26.91 6.65
CA TRP D 215 28.75 27.30 7.38
C TRP D 215 29.95 27.10 6.46
N ARG D 216 30.40 28.19 5.87
CA ARG D 216 31.57 28.20 4.99
C ARG D 216 32.34 29.49 5.19
N VAL D 217 33.64 29.44 4.94
CA VAL D 217 34.52 30.60 5.03
C VAL D 217 35.81 30.32 4.28
N ASN D 218 36.16 31.18 3.33
CA ASN D 218 37.44 31.15 2.65
C ASN D 218 37.73 29.80 1.98
N ASP D 219 36.69 28.98 1.77
CA ASP D 219 36.80 27.73 0.99
C ASP D 219 37.55 26.65 1.79
N HIS D 220 37.23 26.53 3.08
CA HIS D 220 37.84 25.51 3.92
C HIS D 220 36.84 24.39 4.19
N LYS D 221 37.26 23.16 3.91
CA LYS D 221 36.47 22.02 4.31
C LYS D 221 36.52 21.83 5.82
N PHE D 222 35.60 21.02 6.33
CA PHE D 222 35.75 20.44 7.65
C PHE D 222 36.60 19.17 7.56
N THR D 223 37.12 18.72 8.70
CA THR D 223 37.89 17.49 8.88
C THR D 223 37.17 16.26 8.33
N PRO D 224 37.88 15.15 8.08
CA PRO D 224 37.16 13.90 7.74
C PRO D 224 36.12 13.46 8.78
N LEU D 225 36.46 13.49 10.08
CA LEU D 225 35.60 12.90 11.11
C LEU D 225 34.32 13.71 11.31
N LEU D 226 34.38 15.03 11.18
CA LEU D 226 33.18 15.84 11.22
C LEU D 226 32.43 15.78 9.91
N CYS D 227 33.08 15.40 8.83
CA CYS D 227 32.31 15.14 7.63
C CYS D 227 31.45 13.91 7.82
N GLU D 228 32.00 12.90 8.49
CA GLU D 228 31.28 11.65 8.74
C GLU D 228 30.14 11.83 9.72
N ILE D 229 30.42 12.44 10.88
CA ILE D 229 29.43 12.54 11.95
C ILE D 229 28.38 13.58 11.60
N TRP D 230 28.80 14.74 11.14
CA TRP D 230 27.81 15.76 10.88
C TRP D 230 27.19 15.63 9.49
N ASP D 231 27.57 14.60 8.71
CA ASP D 231 27.15 14.45 7.32
C ASP D 231 27.15 15.80 6.59
N VAL D 232 28.32 16.25 6.10
CA VAL D 232 28.57 17.64 5.73
C VAL D 232 27.91 18.06 4.41
N GLN D 233 28.64 17.96 3.30
CA GLN D 233 28.09 18.30 1.98
C GLN D 233 28.33 17.18 0.97
N GLU E 2 -8.21 5.92 -2.63
CA GLU E 2 -8.98 5.32 -3.71
C GLU E 2 -9.10 3.82 -3.47
N ASN E 3 -10.32 3.31 -3.53
CA ASN E 3 -10.62 1.92 -3.18
C ASN E 3 -10.16 1.57 -1.76
N ALA E 4 -10.33 2.53 -0.84
CA ALA E 4 -10.04 2.26 0.57
C ALA E 4 -11.08 1.33 1.17
N LEU E 5 -12.34 1.47 0.76
CA LEU E 5 -13.36 0.50 1.18
C LEU E 5 -13.13 -0.87 0.57
N LEU E 6 -12.82 -0.91 -0.73
CA LEU E 6 -12.57 -2.19 -1.39
C LEU E 6 -11.31 -2.86 -0.85
N ARG E 7 -10.26 -2.07 -0.59
CA ARG E 7 -9.06 -2.63 0.02
C ARG E 7 -9.34 -3.13 1.42
N TYR E 8 -10.22 -2.43 2.14
CA TYR E 8 -10.57 -2.88 3.49
C TYR E 8 -11.27 -4.23 3.44
N LEU E 9 -12.20 -4.40 2.49
CA LEU E 9 -12.93 -5.67 2.42
C LEU E 9 -12.00 -6.81 2.01
N LEU E 10 -11.05 -6.52 1.11
CA LEU E 10 -10.08 -7.53 0.69
C LEU E 10 -9.07 -7.85 1.79
N ASP E 11 -8.77 -6.89 2.66
CA ASP E 11 -7.74 -7.06 3.68
C ASP E 11 -8.29 -7.45 5.05
N LYS E 12 -9.54 -7.10 5.36
CA LYS E 12 -10.13 -7.46 6.64
C LYS E 12 -10.19 -8.98 6.78
N ASP E 13 -10.11 -9.44 8.03
CA ASP E 13 -10.13 -10.87 8.27
C ASP E 13 -11.56 -11.37 8.49
N GLU F 2 -28.90 -7.16 12.01
CA GLU F 2 -28.82 -6.32 10.83
C GLU F 2 -27.44 -6.37 10.16
N ASN F 3 -26.82 -7.56 10.16
CA ASN F 3 -25.51 -7.82 9.54
C ASN F 3 -24.51 -6.68 9.70
N ALA F 4 -23.66 -6.78 10.72
CA ALA F 4 -22.78 -5.68 11.14
C ALA F 4 -22.12 -4.93 9.98
N LEU F 5 -21.62 -5.67 8.99
CA LEU F 5 -20.93 -5.04 7.87
C LEU F 5 -21.90 -4.54 6.81
N LEU F 6 -22.96 -5.32 6.55
CA LEU F 6 -23.89 -4.96 5.47
C LEU F 6 -24.55 -3.61 5.72
N ARG F 7 -25.04 -3.36 6.94
CA ARG F 7 -25.34 -1.99 7.33
C ARG F 7 -24.02 -1.29 7.62
N TYR F 8 -23.96 0.00 7.26
CA TYR F 8 -22.76 0.81 7.05
C TYR F 8 -22.42 0.80 5.58
N LEU F 9 -22.15 -0.38 5.03
CA LEU F 9 -22.06 -0.54 3.58
C LEU F 9 -23.32 -0.04 2.90
N LEU F 10 -24.49 -0.36 3.46
CA LEU F 10 -25.77 0.11 2.91
C LEU F 10 -26.07 1.56 3.30
N ASP F 11 -25.42 2.09 4.33
CA ASP F 11 -25.67 3.43 4.85
C ASP F 11 -25.09 4.46 3.88
N LYS F 12 -25.94 4.95 2.98
CA LYS F 12 -25.51 6.01 2.05
C LYS F 12 -25.44 7.35 2.81
N LYS G 1 14.56 -6.15 -22.23
CA LYS G 1 13.42 -5.69 -22.99
C LYS G 1 13.85 -5.17 -24.36
N GLU G 2 13.90 -3.84 -24.49
CA GLU G 2 14.41 -3.18 -25.68
C GLU G 2 13.56 -3.43 -26.91
N ASN G 3 13.35 -4.71 -27.28
CA ASN G 3 12.69 -5.06 -28.53
C ASN G 3 13.36 -4.37 -29.71
N ALA G 4 14.69 -4.53 -29.80
CA ALA G 4 15.49 -3.70 -30.69
C ALA G 4 15.33 -4.10 -32.16
N LEU G 5 15.26 -5.41 -32.45
CA LEU G 5 15.04 -5.85 -33.83
C LEU G 5 13.60 -5.65 -34.26
N LEU G 6 12.66 -5.94 -33.36
CA LEU G 6 11.26 -5.72 -33.66
C LEU G 6 10.99 -4.25 -33.95
N ARG G 7 11.69 -3.35 -33.26
CA ARG G 7 11.57 -1.93 -33.57
C ARG G 7 12.14 -1.62 -34.95
N TYR G 8 13.28 -2.22 -35.28
CA TYR G 8 13.88 -2.02 -36.60
C TYR G 8 12.95 -2.49 -37.70
N LEU G 9 12.23 -3.60 -37.48
CA LEU G 9 11.27 -4.07 -38.48
C LEU G 9 10.08 -3.12 -38.57
N LEU G 10 9.63 -2.58 -37.43
CA LEU G 10 8.47 -1.71 -37.43
C LEU G 10 8.76 -0.37 -38.11
N ASP G 11 9.97 0.16 -37.92
CA ASP G 11 10.31 1.48 -38.45
C ASP G 11 10.62 1.41 -39.94
N LYS G 12 11.89 1.53 -40.32
CA LYS G 12 12.25 1.29 -41.70
C LYS G 12 11.90 -0.15 -42.07
N ASP G 13 10.95 -0.31 -42.98
CA ASP G 13 10.35 -1.63 -43.26
C ASP G 13 11.35 -2.64 -43.85
N GLU H 2 -3.79 -7.19 8.79
CA GLU H 2 -2.72 -6.35 9.32
C GLU H 2 -3.03 -4.87 9.17
N ASN H 3 -3.56 -4.27 10.24
CA ASN H 3 -3.92 -2.86 10.30
C ASN H 3 -4.93 -2.49 9.21
N ALA H 4 -5.83 -3.43 8.88
CA ALA H 4 -6.75 -3.23 7.76
C ALA H 4 -7.85 -2.22 8.10
N LEU H 5 -8.35 -2.26 9.34
CA LEU H 5 -9.33 -1.27 9.79
C LEU H 5 -8.65 0.07 10.10
N LEU H 6 -7.44 0.02 10.67
CA LEU H 6 -6.66 1.23 10.86
C LEU H 6 -6.33 1.89 9.53
N ARG H 7 -6.05 1.08 8.51
CA ARG H 7 -5.77 1.63 7.18
C ARG H 7 -7.03 2.19 6.55
N TYR H 8 -8.17 1.53 6.74
CA TYR H 8 -9.42 2.02 6.15
C TYR H 8 -9.82 3.36 6.77
N LEU H 9 -9.78 3.45 8.11
CA LEU H 9 -10.03 4.71 8.80
C LEU H 9 -9.07 5.80 8.33
N LEU H 10 -7.79 5.46 8.18
CA LEU H 10 -6.79 6.44 7.73
C LEU H 10 -7.01 6.85 6.28
N ASP H 11 -7.42 5.91 5.42
CA ASP H 11 -7.47 6.16 3.99
C ASP H 11 -8.84 6.57 3.47
N LYS H 12 -9.94 6.18 4.12
CA LYS H 12 -11.27 6.61 3.70
C LYS H 12 -11.43 8.14 3.77
N LYS I 1 -29.05 6.96 15.63
CA LYS I 1 -27.62 7.03 15.93
C LYS I 1 -26.99 8.29 15.34
N GLU I 2 -25.71 8.51 15.65
CA GLU I 2 -24.95 9.64 15.14
C GLU I 2 -23.94 9.26 14.06
N ASN I 3 -23.33 8.08 14.15
CA ASN I 3 -22.39 7.61 13.15
C ASN I 3 -22.72 6.16 12.80
N ALA I 4 -22.79 5.87 11.49
CA ALA I 4 -22.87 4.48 11.06
C ALA I 4 -21.54 3.76 11.20
N LEU I 5 -20.44 4.52 11.25
CA LEU I 5 -19.12 3.92 11.44
C LEU I 5 -18.88 3.55 12.90
N LEU I 6 -19.20 4.46 13.83
CA LEU I 6 -19.05 4.15 15.26
C LEU I 6 -19.82 2.90 15.63
N ARG I 7 -21.09 2.81 15.20
CA ARG I 7 -21.90 1.63 15.46
C ARG I 7 -21.30 0.37 14.84
N TYR I 8 -20.47 0.51 13.81
CA TYR I 8 -19.80 -0.62 13.18
C TYR I 8 -18.52 -1.01 13.89
N LEU I 9 -17.65 -0.03 14.18
CA LEU I 9 -16.42 -0.28 14.92
C LEU I 9 -16.67 -0.92 16.28
N LEU I 10 -17.93 -1.06 16.65
CA LEU I 10 -18.36 -1.50 17.97
C LEU I 10 -19.22 -2.76 17.80
N ASP I 11 -18.57 -3.88 17.48
CA ASP I 11 -19.27 -5.15 17.29
C ASP I 11 -18.28 -6.32 17.33
N LYS J 1 27.60 5.55 3.45
CA LYS J 1 27.82 6.18 4.75
C LYS J 1 28.00 5.14 5.85
N GLU J 2 28.91 4.18 5.62
CA GLU J 2 29.15 3.09 6.57
C GLU J 2 29.77 3.54 7.88
N ASN J 3 30.05 4.84 8.05
CA ASN J 3 30.71 5.40 9.24
C ASN J 3 31.99 4.63 9.58
N ALA J 4 32.95 4.75 8.64
CA ALA J 4 34.19 4.00 8.72
C ALA J 4 35.19 4.64 9.67
N LEU J 5 35.21 5.96 9.77
CA LEU J 5 36.10 6.62 10.73
C LEU J 5 35.51 6.60 12.14
N LEU J 6 34.18 6.72 12.28
CA LEU J 6 33.55 6.51 13.58
C LEU J 6 33.85 5.09 14.10
N ARG J 7 33.65 4.08 13.25
CA ARG J 7 33.89 2.70 13.65
C ARG J 7 35.36 2.44 13.95
N TYR J 8 36.27 3.12 13.24
CA TYR J 8 37.69 2.98 13.53
C TYR J 8 38.01 3.49 14.93
N LEU J 9 37.50 4.67 15.27
CA LEU J 9 37.67 5.21 16.61
C LEU J 9 37.13 4.27 17.67
N LEU J 10 35.96 3.68 17.40
CA LEU J 10 35.26 2.87 18.39
C LEU J 10 35.92 1.51 18.58
N ASP J 11 36.25 0.83 17.49
CA ASP J 11 36.69 -0.57 17.51
C ASP J 11 38.22 -0.66 17.64
N LYS J 12 38.73 -0.13 18.75
CA LYS J 12 40.17 -0.12 19.03
C LYS J 12 40.99 0.49 17.89
#